data_8WTO
#
_entry.id   8WTO
#
_cell.length_a   1.00
_cell.length_b   1.00
_cell.length_c   1.00
_cell.angle_alpha   90.00
_cell.angle_beta   90.00
_cell.angle_gamma   90.00
#
_symmetry.space_group_name_H-M   'P 1'
#
loop_
_entity.id
_entity.type
_entity.pdbx_description
1 polymer 'ABC transporter G family member 16'
2 non-polymer "ADENOSINE-5'-DIPHOSPHATE"
3 non-polymer 'BERYLLIUM TRIFLUORIDE ION'
4 non-polymer 'MAGNESIUM ION'
5 water water
#
_entity_poly.entity_id   1
_entity_poly.type   'polypeptide(L)'
_entity_poly.pdbx_seq_one_letter_code
;MSRILVEDDNATPFHSMEIISSSLTLGQLLKNVSDVRKVEVGDETPVHEFFDRDGSSLDGDNDHLMRPVPFVLSFNNLTY
NVSVRRKLDFHDLVPWRRTSFSKTKTLLDNISGETRDGEILAVLGASGSGKSTLIDALANRIAKGSLKGTVTLNGEALQS
RMLKVISAYVMQDDLLFPMLTVEETLMFAAEFRLPRSLPKSKKKLRVQALIDQLGIRNAAKTIIGDEGHRGISGGERRRV
SIGIDIIHDPIVLFLDEPTSGLDSTSAFMVVKVLKRIAESGSIIIMSIHQPSHRVLSLLDRLIFLSRGHTVFSGSPASLP
SFFAGFGNPIPENENQTEFALDLIRELEGSAGGTRGLVEFNKKWQEMKKQSNPQTLTPPASPNPNLTLKEAISASISRGK
LVSGGGGGSSVINHGGGTLAVPAFANPFWIEIKTLTRRSILNSRRQPELLGMRLATVIVTGFILATVFWRLDNSPKGVQE
RLGFFAFAMSTMFYTCADALPVFLQERYIFMRETAYNAYRRSSYVLSHAIVTFPSLIFLSLAFAVTTFWAVGLEGGLMGF
LFYCLIILASFWSGSSFVTFLSGVVPHVMLGYTIVVAILAYFLLFSGFFINRDRIPQYWIWFHYLSLVKYPYEAVLQNEF
SDPTECFVRGVQLFDNSPLGELTYGMKLRLLDSVSRSIGMRISSSTCLTTGADVLKQQGVTQLSKWNCLLITVGFGFLFR
ILFYLCLLLGSKNKRR
;
_entity_poly.pdbx_strand_id   A,B
#
loop_
_chem_comp.id
_chem_comp.type
_chem_comp.name
_chem_comp.formula
ADP non-polymer ADENOSINE-5'-DIPHOSPHATE 'C10 H15 N5 O10 P2'
BEF non-polymer 'BERYLLIUM TRIFLUORIDE ION' 'Be F3 -1'
MG non-polymer 'MAGNESIUM ION' 'Mg 2'
#
# COMPACT_ATOMS: atom_id res chain seq x y z
N ARG A 67 24.25 -17.59 38.76
CA ARG A 67 25.32 -17.63 37.77
C ARG A 67 25.09 -16.71 36.52
N PRO A 68 23.86 -16.55 36.01
CA PRO A 68 23.64 -15.42 35.11
C PRO A 68 23.78 -14.09 35.83
N VAL A 69 24.09 -13.06 35.04
CA VAL A 69 24.26 -11.70 35.59
C VAL A 69 22.89 -11.19 36.03
N PRO A 70 22.76 -10.71 37.27
CA PRO A 70 21.45 -10.23 37.74
C PRO A 70 21.09 -8.90 37.09
N PHE A 71 19.84 -8.81 36.64
CA PHE A 71 19.26 -7.57 36.13
C PHE A 71 17.93 -7.36 36.81
N VAL A 72 17.64 -6.12 37.18
CA VAL A 72 16.37 -5.75 37.81
C VAL A 72 15.81 -4.57 37.03
N LEU A 73 14.81 -4.82 36.20
CA LEU A 73 14.11 -3.76 35.50
C LEU A 73 12.98 -3.26 36.38
N SER A 74 13.01 -1.98 36.71
CA SER A 74 12.02 -1.35 37.57
C SER A 74 11.37 -0.21 36.82
N PHE A 75 10.05 -0.10 36.93
CA PHE A 75 9.33 1.02 36.37
C PHE A 75 8.40 1.57 37.45
N ASN A 76 8.31 2.89 37.53
CA ASN A 76 7.59 3.56 38.60
C ASN A 76 6.78 4.71 38.03
N ASN A 77 5.51 4.78 38.45
CA ASN A 77 4.61 5.91 38.22
C ASN A 77 4.41 6.22 36.75
N LEU A 78 4.27 5.17 35.93
CA LEU A 78 4.11 5.36 34.50
C LEU A 78 2.72 5.93 34.19
N THR A 79 2.71 7.10 33.56
CA THR A 79 1.48 7.82 33.25
C THR A 79 1.53 8.27 31.81
N TYR A 80 0.48 7.97 31.05
CA TYR A 80 0.43 8.32 29.65
C TYR A 80 -0.96 8.85 29.31
N ASN A 81 -1.00 9.99 28.63
CA ASN A 81 -2.24 10.65 28.25
C ASN A 81 -2.23 10.89 26.74
N VAL A 82 -3.39 10.72 26.12
CA VAL A 82 -3.56 11.06 24.71
C VAL A 82 -4.65 12.12 24.60
N SER A 83 -4.60 12.87 23.52
CA SER A 83 -5.58 13.92 23.26
C SER A 83 -6.66 13.38 22.33
N VAL A 84 -7.91 13.47 22.77
CA VAL A 84 -9.04 13.04 21.95
C VAL A 84 -9.24 14.05 20.82
N ARG A 85 -9.07 13.59 19.59
CA ARG A 85 -9.18 14.47 18.42
C ARG A 85 -10.14 13.89 17.39
N SER A 102 -11.32 18.43 21.77
CA SER A 102 -9.96 18.36 22.26
C SER A 102 -9.91 18.14 23.77
N LYS A 103 -10.14 16.89 24.20
CA LYS A 103 -10.02 16.48 25.59
C LYS A 103 -8.92 15.45 25.70
N THR A 104 -8.65 15.04 26.95
CA THR A 104 -7.52 14.18 27.26
C THR A 104 -7.99 12.87 27.87
N LYS A 105 -7.35 11.78 27.47
CA LYS A 105 -7.69 10.44 27.96
C LYS A 105 -6.45 9.80 28.52
N THR A 106 -6.55 9.31 29.76
CA THR A 106 -5.43 8.68 30.45
C THR A 106 -5.36 7.21 30.07
N LEU A 107 -4.33 6.83 29.32
CA LEU A 107 -4.16 5.45 28.92
C LEU A 107 -3.42 4.62 29.96
N LEU A 108 -2.40 5.19 30.59
CA LEU A 108 -1.70 4.56 31.70
C LEU A 108 -1.78 5.49 32.90
N ASP A 109 -2.07 4.93 34.07
CA ASP A 109 -2.30 5.74 35.28
C ASP A 109 -1.49 5.18 36.42
N ASN A 110 -0.28 5.76 36.63
CA ASN A 110 0.54 5.56 37.83
C ASN A 110 0.96 4.10 38.00
N ILE A 111 1.40 3.48 36.91
CA ILE A 111 1.69 2.06 36.90
C ILE A 111 3.14 1.84 37.33
N SER A 112 3.33 1.08 38.40
CA SER A 112 4.64 0.71 38.88
C SER A 112 4.76 -0.80 38.89
N GLY A 113 6.01 -1.27 38.94
CA GLY A 113 6.27 -2.69 39.01
C GLY A 113 7.72 -2.97 38.70
N GLU A 114 8.12 -4.21 38.94
CA GLU A 114 9.49 -4.61 38.71
C GLU A 114 9.55 -6.08 38.38
N THR A 115 10.64 -6.47 37.73
CA THR A 115 10.88 -7.85 37.35
C THR A 115 12.38 -8.07 37.26
N ARG A 116 12.79 -9.31 37.48
CA ARG A 116 14.21 -9.67 37.48
C ARG A 116 14.49 -10.64 36.36
N ASP A 117 15.79 -10.84 36.09
CA ASP A 117 16.20 -11.88 35.16
C ASP A 117 15.93 -13.25 35.77
N GLY A 118 15.64 -14.22 34.91
CA GLY A 118 15.21 -15.53 35.37
C GLY A 118 13.72 -15.68 35.50
N GLU A 119 12.96 -14.59 35.37
CA GLU A 119 11.53 -14.60 35.60
C GLU A 119 10.78 -14.09 34.38
N ILE A 120 9.53 -14.51 34.26
CA ILE A 120 8.61 -13.98 33.26
C ILE A 120 7.59 -13.12 33.99
N LEU A 121 7.53 -11.85 33.64
CA LEU A 121 6.45 -10.97 34.08
C LEU A 121 5.34 -11.01 33.04
N ALA A 122 4.16 -11.46 33.44
CA ALA A 122 3.01 -11.53 32.56
C ALA A 122 2.08 -10.36 32.86
N VAL A 123 1.65 -9.67 31.81
CA VAL A 123 0.69 -8.57 31.93
C VAL A 123 -0.67 -9.10 31.50
N LEU A 124 -1.65 -9.00 32.38
CA LEU A 124 -2.99 -9.47 32.08
C LEU A 124 -3.98 -8.32 32.22
N GLY A 125 -5.19 -8.57 31.76
CA GLY A 125 -6.23 -7.57 31.79
C GLY A 125 -7.16 -7.76 30.60
N ALA A 126 -8.27 -7.04 30.65
CA ALA A 126 -9.25 -7.12 29.59
C ALA A 126 -8.72 -6.46 28.32
N SER A 127 -9.39 -6.74 27.21
CA SER A 127 -9.09 -6.08 25.95
C SER A 127 -9.38 -4.58 26.06
N GLY A 128 -8.39 -3.77 25.73
CA GLY A 128 -8.49 -2.34 25.90
C GLY A 128 -8.08 -1.81 27.26
N SER A 129 -7.43 -2.60 28.09
CA SER A 129 -7.03 -2.14 29.41
C SER A 129 -5.68 -1.44 29.41
N GLY A 130 -4.90 -1.54 28.35
CA GLY A 130 -3.63 -0.89 28.26
C GLY A 130 -2.41 -1.78 28.27
N LYS A 131 -2.56 -3.07 27.95
CA LYS A 131 -1.43 -4.00 27.96
C LYS A 131 -0.45 -3.69 26.84
N SER A 132 -0.95 -3.34 25.66
CA SER A 132 -0.04 -2.92 24.60
C SER A 132 0.58 -1.57 24.89
N THR A 133 -0.16 -0.70 25.59
CA THR A 133 0.38 0.62 25.92
C THR A 133 1.44 0.53 27.00
N LEU A 134 1.25 -0.38 27.97
CA LEU A 134 2.25 -0.55 29.02
C LEU A 134 3.55 -1.13 28.47
N ILE A 135 3.45 -2.05 27.50
CA ILE A 135 4.64 -2.59 26.89
C ILE A 135 5.27 -1.58 25.93
N ASP A 136 4.44 -0.76 25.27
CA ASP A 136 4.98 0.33 24.44
C ASP A 136 5.71 1.38 25.26
N ALA A 137 5.27 1.60 26.51
CA ALA A 137 5.98 2.53 27.39
C ALA A 137 7.35 2.00 27.77
N LEU A 138 7.43 0.71 28.13
CA LEU A 138 8.69 0.11 28.55
C LEU A 138 9.65 -0.15 27.40
N ALA A 139 9.16 -0.28 26.17
CA ALA A 139 9.99 -0.64 25.03
C ALA A 139 10.43 0.58 24.23
N ASN A 140 10.34 1.78 24.82
CA ASN A 140 10.75 3.06 24.21
C ASN A 140 10.02 3.28 22.88
N ARG A 141 8.71 3.13 22.93
CA ARG A 141 7.90 3.15 21.73
C ARG A 141 6.91 4.30 21.73
N ILE A 142 6.65 4.90 22.88
CA ILE A 142 5.88 6.13 22.92
C ILE A 142 6.85 7.29 23.14
N ALA A 143 6.49 8.44 22.58
CA ALA A 143 7.40 9.56 22.41
C ALA A 143 7.80 10.19 23.74
N LYS A 144 9.00 10.75 23.76
CA LYS A 144 9.54 11.35 24.97
C LYS A 144 8.87 12.69 25.24
N GLY A 145 8.49 12.89 26.49
CA GLY A 145 7.61 13.98 26.87
C GLY A 145 6.17 13.55 27.02
N SER A 146 5.73 12.57 26.24
CA SER A 146 4.38 12.03 26.39
C SER A 146 4.29 11.07 27.57
N LEU A 147 5.34 10.31 27.84
CA LEU A 147 5.37 9.35 28.93
C LEU A 147 5.98 9.97 30.17
N LYS A 148 5.30 9.83 31.30
CA LYS A 148 5.81 10.22 32.59
C LYS A 148 6.19 8.98 33.38
N GLY A 149 7.02 9.17 34.41
CA GLY A 149 7.55 8.08 35.18
C GLY A 149 8.94 7.66 34.73
N THR A 150 9.54 6.77 35.49
CA THR A 150 10.93 6.37 35.30
C THR A 150 11.05 4.86 35.13
N VAL A 151 11.86 4.45 34.16
CA VAL A 151 12.20 3.04 33.95
C VAL A 151 13.70 2.91 34.19
N THR A 152 14.08 2.04 35.12
CA THR A 152 15.47 1.83 35.45
C THR A 152 15.87 0.38 35.22
N LEU A 153 17.18 0.17 35.15
CA LEU A 153 17.77 -1.16 35.05
C LEU A 153 18.97 -1.19 35.99
N ASN A 154 18.93 -2.09 36.98
CA ASN A 154 19.90 -2.19 38.07
C ASN A 154 20.04 -0.87 38.83
N GLY A 155 18.94 -0.14 38.97
CA GLY A 155 18.92 1.11 39.70
C GLY A 155 19.24 2.34 38.88
N GLU A 156 19.78 2.17 37.68
CA GLU A 156 20.21 3.29 36.85
C GLU A 156 19.25 3.43 35.68
N ALA A 157 19.07 4.67 35.23
CA ALA A 157 18.02 5.01 34.27
C ALA A 157 18.25 4.34 32.93
N LEU A 158 17.25 3.59 32.48
CA LEU A 158 17.35 2.76 31.29
C LEU A 158 17.24 3.67 30.07
N GLN A 159 18.40 3.97 29.48
CA GLN A 159 18.48 4.91 28.38
C GLN A 159 17.87 4.33 27.12
N SER A 160 17.39 5.23 26.26
CA SER A 160 16.87 4.82 24.95
C SER A 160 17.97 4.28 24.06
N ARG A 161 19.20 4.74 24.25
CA ARG A 161 20.31 4.25 23.44
C ARG A 161 20.72 2.86 23.86
N MET A 162 20.65 2.56 25.15
CA MET A 162 20.98 1.24 25.66
C MET A 162 19.90 0.22 25.35
N LEU A 163 18.63 0.66 25.33
CA LEU A 163 17.52 -0.25 25.10
C LEU A 163 17.47 -0.79 23.69
N LYS A 164 17.93 -0.01 22.69
CA LYS A 164 17.97 -0.53 21.32
C LYS A 164 19.03 -1.61 21.16
N VAL A 165 20.02 -1.65 22.04
CA VAL A 165 21.10 -2.63 21.92
C VAL A 165 20.70 -3.95 22.58
N ILE A 166 19.99 -3.90 23.70
CA ILE A 166 19.80 -5.08 24.52
C ILE A 166 18.39 -5.65 24.47
N SER A 167 17.47 -5.02 23.74
CA SER A 167 16.08 -5.47 23.77
C SER A 167 15.59 -5.89 22.40
N ALA A 168 14.46 -6.60 22.43
CA ALA A 168 13.70 -6.97 21.25
C ALA A 168 12.23 -6.91 21.60
N TYR A 169 11.40 -6.70 20.58
CA TYR A 169 9.97 -6.46 20.78
C TYR A 169 9.19 -7.24 19.73
N VAL A 170 8.40 -8.21 20.18
CA VAL A 170 7.41 -8.89 19.35
C VAL A 170 6.07 -8.20 19.57
N MET A 171 5.60 -7.47 18.57
CA MET A 171 4.37 -6.72 18.68
C MET A 171 3.14 -7.62 18.56
N GLN A 172 2.03 -7.05 18.88
CA GLN A 172 0.75 -7.70 18.72
C GLN A 172 0.35 -8.11 17.26
N ASP A 173 0.62 -7.29 16.33
CA ASP A 173 0.56 -7.62 14.95
C ASP A 173 1.75 -7.97 14.30
N ASP A 174 1.69 -8.91 13.42
CA ASP A 174 2.79 -9.41 12.62
C ASP A 174 3.05 -8.46 11.45
N LEU A 175 4.33 -8.26 11.13
CA LEU A 175 4.70 -7.42 9.99
C LEU A 175 5.93 -8.01 9.32
N LEU A 176 5.70 -8.86 8.33
CA LEU A 176 6.77 -9.59 7.66
C LEU A 176 6.70 -9.33 6.17
N PHE A 177 7.81 -9.58 5.50
CA PHE A 177 7.83 -9.57 4.04
C PHE A 177 7.05 -10.76 3.51
N PRO A 178 6.02 -10.55 2.69
CA PRO A 178 5.11 -11.66 2.36
C PRO A 178 5.68 -12.71 1.44
N MET A 179 6.62 -12.36 0.56
CA MET A 179 7.09 -13.29 -0.45
C MET A 179 8.28 -14.14 0.00
N LEU A 180 8.81 -13.90 1.19
CA LEU A 180 9.85 -14.76 1.72
C LEU A 180 9.23 -15.97 2.40
N THR A 181 9.96 -17.08 2.40
CA THR A 181 9.47 -18.25 3.12
C THR A 181 9.78 -18.10 4.62
N VAL A 182 9.40 -19.11 5.39
CA VAL A 182 9.58 -19.04 6.84
C VAL A 182 11.05 -19.17 7.21
N GLU A 183 11.76 -20.12 6.60
CA GLU A 183 13.16 -20.29 6.92
C GLU A 183 14.05 -19.24 6.25
N GLU A 184 13.60 -18.61 5.16
CA GLU A 184 14.35 -17.48 4.61
C GLU A 184 14.22 -16.26 5.51
N THR A 185 13.04 -16.07 6.10
CA THR A 185 12.80 -14.95 7.00
C THR A 185 13.63 -15.06 8.27
N LEU A 186 13.67 -16.25 8.86
CA LEU A 186 14.45 -16.46 10.06
C LEU A 186 15.94 -16.47 9.78
N MET A 187 16.35 -16.78 8.55
CA MET A 187 17.76 -16.73 8.21
C MET A 187 18.24 -15.30 7.98
N PHE A 188 17.37 -14.41 7.48
CA PHE A 188 17.76 -13.02 7.35
C PHE A 188 17.90 -12.37 8.73
N ALA A 189 17.01 -12.71 9.66
CA ALA A 189 17.10 -12.17 11.01
C ALA A 189 18.28 -12.76 11.77
N ALA A 190 18.68 -13.99 11.45
CA ALA A 190 19.89 -14.54 12.04
C ALA A 190 21.12 -13.85 11.49
N GLU A 191 21.11 -13.51 10.20
CA GLU A 191 22.23 -12.80 9.61
C GLU A 191 22.29 -11.34 10.04
N PHE A 192 21.18 -10.77 10.50
CA PHE A 192 21.19 -9.40 11.01
C PHE A 192 21.66 -9.34 12.45
N ARG A 193 21.30 -10.33 13.26
CA ARG A 193 21.46 -10.25 14.70
C ARG A 193 22.59 -11.09 15.26
N LEU A 194 23.15 -12.01 14.47
CA LEU A 194 24.26 -12.80 14.99
C LEU A 194 25.58 -12.32 14.40
N PRO A 195 26.66 -12.30 15.16
CA PRO A 195 27.90 -11.66 14.70
C PRO A 195 28.70 -12.58 13.78
N ARG A 196 29.78 -12.01 13.23
CA ARG A 196 30.67 -12.72 12.30
C ARG A 196 31.46 -13.82 12.98
N SER A 197 31.63 -13.76 14.31
CA SER A 197 32.34 -14.81 15.03
C SER A 197 31.57 -16.12 15.02
N LEU A 198 30.26 -16.07 14.81
CA LEU A 198 29.47 -17.27 14.55
C LEU A 198 29.50 -17.56 13.06
N PRO A 199 29.93 -18.74 12.63
CA PRO A 199 29.98 -19.05 11.20
C PRO A 199 28.58 -19.22 10.61
N LYS A 200 28.54 -19.27 9.28
CA LYS A 200 27.29 -19.36 8.55
C LYS A 200 26.64 -20.74 8.72
N SER A 201 27.46 -21.78 8.91
CA SER A 201 26.91 -23.10 9.18
C SER A 201 26.25 -23.16 10.55
N LYS A 202 26.79 -22.45 11.53
CA LYS A 202 26.20 -22.43 12.85
C LYS A 202 25.08 -21.41 12.97
N LYS A 203 24.97 -20.46 12.04
CA LYS A 203 23.79 -19.63 11.98
C LYS A 203 22.61 -20.41 11.40
N LYS A 204 22.88 -21.26 10.41
CA LYS A 204 21.84 -22.12 9.86
C LYS A 204 21.39 -23.19 10.86
N LEU A 205 22.29 -23.68 11.71
CA LEU A 205 21.88 -24.63 12.73
C LEU A 205 21.02 -23.99 13.80
N ARG A 206 21.16 -22.68 14.02
CA ARG A 206 20.33 -22.00 15.00
C ARG A 206 18.95 -21.67 14.45
N VAL A 207 18.83 -21.51 13.13
CA VAL A 207 17.54 -21.31 12.50
C VAL A 207 16.78 -22.63 12.44
N GLN A 208 17.47 -23.72 12.12
CA GLN A 208 16.84 -25.04 12.08
C GLN A 208 16.39 -25.49 13.47
N ALA A 209 17.15 -25.15 14.50
CA ALA A 209 16.76 -25.51 15.85
C ALA A 209 15.62 -24.62 16.35
N LEU A 210 15.57 -23.38 15.89
CA LEU A 210 14.46 -22.49 16.26
C LEU A 210 13.17 -22.89 15.57
N ILE A 211 13.26 -23.42 14.34
CA ILE A 211 12.08 -23.89 13.63
C ILE A 211 11.51 -25.13 14.32
N ASP A 212 12.38 -25.99 14.83
CA ASP A 212 11.93 -27.23 15.46
C ASP A 212 11.28 -26.98 16.82
N GLN A 213 11.85 -26.08 17.63
CA GLN A 213 11.32 -25.88 18.97
C GLN A 213 10.17 -24.88 19.00
N LEU A 214 10.00 -24.06 17.97
CA LEU A 214 8.77 -23.29 17.83
C LEU A 214 7.67 -24.10 17.16
N GLY A 215 8.00 -25.21 16.52
CA GLY A 215 7.00 -26.09 15.95
C GLY A 215 6.47 -25.66 14.61
N ILE A 216 7.31 -25.13 13.75
CA ILE A 216 6.86 -24.66 12.44
C ILE A 216 7.66 -25.34 11.33
N ARG A 217 8.03 -26.60 11.56
CA ARG A 217 8.76 -27.38 10.56
C ARG A 217 7.96 -27.59 9.29
N ASN A 218 6.65 -27.81 9.41
CA ASN A 218 5.80 -28.06 8.26
C ASN A 218 5.60 -26.82 7.40
N ALA A 219 5.78 -25.62 7.97
CA ALA A 219 5.60 -24.37 7.26
C ALA A 219 6.91 -23.75 6.79
N ALA A 220 8.03 -24.47 6.94
CA ALA A 220 9.35 -23.87 6.79
C ALA A 220 9.65 -23.41 5.37
N LYS A 221 9.14 -24.10 4.37
CA LYS A 221 9.36 -23.75 2.98
C LYS A 221 8.15 -23.06 2.36
N THR A 222 7.24 -22.57 3.17
CA THR A 222 6.05 -21.87 2.73
C THR A 222 6.24 -20.37 2.93
N ILE A 223 5.77 -19.58 1.97
CA ILE A 223 5.86 -18.12 2.08
C ILE A 223 4.97 -17.62 3.22
N ILE A 224 5.28 -16.40 3.67
CA ILE A 224 4.45 -15.77 4.70
C ILE A 224 3.09 -15.42 4.14
N GLY A 225 3.07 -14.79 2.97
CA GLY A 225 1.84 -14.42 2.33
C GLY A 225 1.24 -13.15 2.87
N ASP A 226 0.17 -12.74 2.23
CA ASP A 226 -0.62 -11.59 2.66
C ASP A 226 -2.07 -11.86 2.27
N GLU A 227 -2.88 -10.80 2.21
CA GLU A 227 -4.30 -10.93 1.89
C GLU A 227 -4.52 -11.47 0.47
N GLY A 228 -3.62 -11.13 -0.46
CA GLY A 228 -3.77 -11.59 -1.83
C GLY A 228 -3.07 -12.89 -2.18
N HIS A 229 -2.10 -13.30 -1.36
CA HIS A 229 -1.30 -14.49 -1.64
C HIS A 229 -1.31 -15.39 -0.42
N ARG A 230 -1.84 -16.60 -0.57
CA ARG A 230 -1.96 -17.50 0.57
C ARG A 230 -0.62 -18.15 0.87
N GLY A 231 -0.13 -17.96 2.08
CA GLY A 231 1.05 -18.63 2.56
C GLY A 231 0.79 -19.48 3.78
N ILE A 232 1.39 -19.08 4.90
CA ILE A 232 1.29 -19.81 6.16
C ILE A 232 0.04 -19.39 6.92
N SER A 233 -0.34 -20.17 7.92
CA SER A 233 -1.49 -19.88 8.74
C SER A 233 -1.18 -18.74 9.71
N GLY A 234 -2.23 -18.28 10.39
CA GLY A 234 -2.07 -17.14 11.29
C GLY A 234 -1.25 -17.45 12.51
N GLY A 235 -1.44 -18.63 13.08
CA GLY A 235 -0.62 -19.03 14.21
C GLY A 235 0.80 -19.38 13.82
N GLU A 236 1.01 -19.78 12.57
CA GLU A 236 2.37 -19.99 12.09
C GLU A 236 3.08 -18.67 11.87
N ARG A 237 2.37 -17.65 11.40
CA ARG A 237 2.94 -16.31 11.23
C ARG A 237 3.29 -15.69 12.57
N ARG A 238 2.52 -16.01 13.61
CA ARG A 238 2.79 -15.53 14.97
C ARG A 238 4.14 -16.00 15.48
N ARG A 239 4.44 -17.30 15.33
CA ARG A 239 5.68 -17.84 15.83
C ARG A 239 6.87 -17.50 14.96
N VAL A 240 6.64 -17.07 13.71
CA VAL A 240 7.73 -16.50 12.93
C VAL A 240 8.15 -15.17 13.53
N SER A 241 7.18 -14.34 13.91
CA SER A 241 7.47 -13.04 14.55
C SER A 241 8.14 -13.21 15.90
N ILE A 242 7.83 -14.27 16.64
CA ILE A 242 8.56 -14.58 17.86
C ILE A 242 9.98 -15.01 17.54
N GLY A 243 10.14 -15.83 16.50
CA GLY A 243 11.46 -16.32 16.14
C GLY A 243 12.39 -15.27 15.57
N ILE A 244 11.83 -14.19 15.00
CA ILE A 244 12.63 -13.09 14.49
C ILE A 244 13.38 -12.39 15.63
N ASP A 245 12.75 -12.30 16.79
CA ASP A 245 13.31 -11.55 17.91
C ASP A 245 13.94 -12.42 18.99
N ILE A 246 13.95 -13.76 18.85
CA ILE A 246 14.59 -14.61 19.84
C ILE A 246 15.72 -15.43 19.24
N ILE A 247 16.15 -15.13 18.01
CA ILE A 247 17.21 -15.91 17.39
C ILE A 247 18.57 -15.60 18.03
N HIS A 248 18.82 -14.34 18.34
CA HIS A 248 19.83 -13.92 19.30
C HIS A 248 19.21 -13.99 20.69
N ASP A 249 20.02 -13.81 21.73
CA ASP A 249 19.48 -13.84 23.09
C ASP A 249 19.57 -12.46 23.72
N PRO A 250 18.52 -11.65 23.61
CA PRO A 250 18.57 -10.32 24.22
C PRO A 250 18.38 -10.40 25.72
N ILE A 251 18.79 -9.33 26.39
CA ILE A 251 18.67 -9.29 27.85
C ILE A 251 17.24 -8.99 28.26
N VAL A 252 16.59 -8.06 27.57
CA VAL A 252 15.19 -7.76 27.82
C VAL A 252 14.39 -8.18 26.60
N LEU A 253 13.24 -8.81 26.85
CA LEU A 253 12.36 -9.26 25.78
C LEU A 253 10.94 -8.81 26.08
N PHE A 254 10.36 -8.05 25.17
CA PHE A 254 8.97 -7.62 25.23
C PHE A 254 8.18 -8.42 24.20
N LEU A 255 7.13 -9.10 24.64
CA LEU A 255 6.27 -9.86 23.74
C LEU A 255 4.84 -9.41 23.94
N ASP A 256 4.27 -8.74 22.96
CA ASP A 256 2.85 -8.40 23.01
C ASP A 256 2.05 -9.58 22.47
N GLU A 257 1.33 -10.27 23.37
CA GLU A 257 0.49 -11.44 23.17
C GLU A 257 1.11 -12.52 22.29
N PRO A 258 2.17 -13.21 22.73
CA PRO A 258 2.81 -14.19 21.85
C PRO A 258 2.00 -15.46 21.64
N THR A 259 1.07 -15.80 22.53
CA THR A 259 0.29 -17.02 22.40
C THR A 259 -1.11 -16.77 21.85
N SER A 260 -1.35 -15.61 21.26
CA SER A 260 -2.63 -15.35 20.61
C SER A 260 -2.63 -15.93 19.20
N GLY A 261 -3.74 -16.58 18.85
CA GLY A 261 -3.79 -17.33 17.62
C GLY A 261 -3.11 -18.67 17.70
N LEU A 262 -2.81 -19.15 18.90
CA LEU A 262 -2.12 -20.42 19.07
C LEU A 262 -3.01 -21.38 19.83
N ASP A 263 -2.95 -22.64 19.42
CA ASP A 263 -3.57 -23.72 20.16
C ASP A 263 -2.89 -23.93 21.51
N SER A 264 -3.56 -24.70 22.37
CA SER A 264 -3.14 -24.83 23.75
C SER A 264 -1.83 -25.58 23.91
N THR A 265 -1.50 -26.48 22.98
CA THR A 265 -0.25 -27.22 23.09
C THR A 265 0.92 -26.49 22.45
N SER A 266 0.67 -25.62 21.47
CA SER A 266 1.75 -24.82 20.92
C SER A 266 1.93 -23.51 21.66
N ALA A 267 0.91 -23.05 22.39
CA ALA A 267 1.11 -21.96 23.34
C ALA A 267 2.00 -22.39 24.49
N PHE A 268 1.82 -23.63 24.95
CA PHE A 268 2.68 -24.18 26.00
C PHE A 268 4.11 -24.36 25.52
N MET A 269 4.29 -24.69 24.24
CA MET A 269 5.64 -24.82 23.68
C MET A 269 6.35 -23.48 23.59
N VAL A 270 5.61 -22.40 23.32
CA VAL A 270 6.21 -21.09 23.20
C VAL A 270 6.64 -20.55 24.57
N VAL A 271 5.78 -20.72 25.58
CA VAL A 271 6.10 -20.23 26.93
C VAL A 271 7.20 -21.06 27.57
N LYS A 272 7.33 -22.34 27.18
CA LYS A 272 8.47 -23.12 27.66
C LYS A 272 9.77 -22.67 27.00
N VAL A 273 9.69 -22.23 25.74
CA VAL A 273 10.86 -21.65 25.08
C VAL A 273 11.22 -20.31 25.72
N LEU A 274 10.23 -19.48 26.03
CA LEU A 274 10.48 -18.19 26.67
C LEU A 274 10.97 -18.34 28.10
N LYS A 275 10.59 -19.42 28.78
CA LYS A 275 11.10 -19.67 30.12
C LYS A 275 12.56 -20.12 30.08
N ARG A 276 12.96 -20.84 29.03
CA ARG A 276 14.37 -21.21 28.87
C ARG A 276 15.25 -19.99 28.60
N ILE A 277 14.74 -19.02 27.83
CA ILE A 277 15.49 -17.79 27.59
C ILE A 277 15.57 -16.96 28.86
N ALA A 278 14.49 -16.95 29.65
CA ALA A 278 14.46 -16.26 30.94
C ALA A 278 15.51 -16.81 31.90
N GLU A 279 15.52 -18.12 32.11
CA GLU A 279 16.43 -18.73 33.07
C GLU A 279 17.87 -18.78 32.58
N SER A 280 18.14 -18.43 31.33
CA SER A 280 19.50 -18.20 30.88
C SER A 280 19.99 -16.80 31.20
N GLY A 281 19.14 -15.95 31.77
CA GLY A 281 19.54 -14.64 32.20
C GLY A 281 18.82 -13.47 31.56
N SER A 282 17.59 -13.68 31.09
CA SER A 282 16.84 -12.64 30.43
C SER A 282 15.67 -12.16 31.27
N ILE A 283 15.25 -10.93 31.00
CA ILE A 283 14.02 -10.37 31.53
C ILE A 283 12.96 -10.52 30.46
N ILE A 284 11.89 -11.23 30.78
CA ILE A 284 10.77 -11.44 29.87
C ILE A 284 9.58 -10.67 30.41
N ILE A 285 9.02 -9.79 29.58
CA ILE A 285 7.79 -9.08 29.88
C ILE A 285 6.81 -9.38 28.74
N MET A 286 5.75 -10.12 29.04
CA MET A 286 4.79 -10.50 28.02
C MET A 286 3.38 -10.17 28.48
N SER A 287 2.50 -9.99 27.50
CA SER A 287 1.07 -9.94 27.75
C SER A 287 0.44 -11.25 27.30
N ILE A 288 -0.67 -11.61 27.93
CA ILE A 288 -1.33 -12.89 27.64
C ILE A 288 -2.80 -12.75 28.00
N HIS A 289 -3.67 -13.42 27.23
CA HIS A 289 -5.12 -13.28 27.43
C HIS A 289 -5.77 -14.43 28.18
N GLN A 290 -5.65 -15.66 27.69
CA GLN A 290 -6.33 -16.78 28.31
C GLN A 290 -5.33 -17.87 28.68
N PRO A 291 -4.46 -17.62 29.66
CA PRO A 291 -3.46 -18.64 30.01
C PRO A 291 -4.10 -19.82 30.71
N SER A 292 -3.70 -21.00 30.30
CA SER A 292 -4.13 -22.20 31.00
C SER A 292 -3.34 -22.35 32.28
N HIS A 293 -3.72 -23.35 33.08
CA HIS A 293 -3.00 -23.62 34.32
C HIS A 293 -1.60 -24.16 34.07
N ARG A 294 -1.35 -24.75 32.90
CA ARG A 294 0.01 -25.11 32.51
C ARG A 294 0.85 -23.87 32.26
N VAL A 295 0.31 -22.89 31.55
CA VAL A 295 1.08 -21.70 31.19
C VAL A 295 1.27 -20.80 32.41
N LEU A 296 0.21 -20.64 33.22
CA LEU A 296 0.24 -19.79 34.41
C LEU A 296 1.23 -20.27 35.46
N SER A 297 1.53 -21.58 35.49
CA SER A 297 2.56 -22.06 36.41
C SER A 297 3.97 -21.70 35.94
N LEU A 298 4.14 -21.39 34.66
CA LEU A 298 5.43 -20.96 34.16
C LEU A 298 5.67 -19.48 34.32
N LEU A 299 4.65 -18.69 34.67
CA LEU A 299 4.80 -17.26 34.86
C LEU A 299 5.10 -16.98 36.32
N ASP A 300 6.14 -16.20 36.58
CA ASP A 300 6.58 -15.94 37.95
C ASP A 300 5.90 -14.73 38.56
N ARG A 301 5.65 -13.68 37.78
CA ARG A 301 5.00 -12.47 38.26
C ARG A 301 3.87 -12.07 37.34
N LEU A 302 2.76 -11.65 37.92
CA LEU A 302 1.61 -11.16 37.18
C LEU A 302 1.36 -9.70 37.51
N ILE A 303 0.91 -8.96 36.51
CA ILE A 303 0.35 -7.62 36.69
C ILE A 303 -0.98 -7.59 35.96
N PHE A 304 -2.04 -7.22 36.67
CA PHE A 304 -3.38 -7.15 36.13
C PHE A 304 -3.73 -5.69 35.88
N LEU A 305 -4.21 -5.38 34.69
CA LEU A 305 -4.57 -4.03 34.32
C LEU A 305 -6.09 -3.89 34.23
N SER A 306 -6.57 -2.70 34.55
CA SER A 306 -7.99 -2.39 34.45
C SER A 306 -8.12 -0.92 34.09
N ARG A 307 -8.29 -0.65 32.80
CA ARG A 307 -8.47 0.70 32.24
C ARG A 307 -7.31 1.63 32.60
N GLY A 308 -6.09 1.12 32.48
CA GLY A 308 -4.90 1.89 32.74
C GLY A 308 -4.42 1.87 34.18
N HIS A 309 -5.16 1.26 35.07
CA HIS A 309 -4.76 1.15 36.47
C HIS A 309 -4.28 -0.27 36.76
N THR A 310 -3.35 -0.37 37.69
CA THR A 310 -2.96 -1.67 38.22
C THR A 310 -3.94 -2.07 39.32
N VAL A 311 -4.50 -3.26 39.20
CA VAL A 311 -5.40 -3.80 40.21
C VAL A 311 -4.84 -5.02 40.90
N PHE A 312 -3.77 -5.62 40.38
CA PHE A 312 -3.11 -6.73 41.04
C PHE A 312 -1.66 -6.78 40.58
N SER A 313 -0.76 -7.06 41.51
CA SER A 313 0.62 -7.39 41.21
C SER A 313 1.05 -8.50 42.15
N GLY A 314 1.73 -9.50 41.63
CA GLY A 314 2.28 -10.54 42.48
C GLY A 314 2.36 -11.87 41.76
N SER A 315 2.62 -12.90 42.55
CA SER A 315 2.74 -14.25 42.05
C SER A 315 1.37 -14.80 41.68
N PRO A 316 1.32 -15.79 40.77
CA PRO A 316 0.03 -16.49 40.54
C PRO A 316 -0.49 -17.25 41.74
N ALA A 317 0.39 -17.71 42.63
CA ALA A 317 -0.04 -18.43 43.82
C ALA A 317 -0.66 -17.53 44.88
N SER A 318 -0.44 -16.22 44.80
CA SER A 318 -1.02 -15.27 45.75
C SER A 318 -2.35 -14.70 45.29
N LEU A 319 -2.89 -15.18 44.17
CA LEU A 319 -4.22 -14.78 43.70
C LEU A 319 -5.40 -15.19 44.59
N PRO A 320 -5.47 -16.40 45.19
CA PRO A 320 -6.58 -16.63 46.11
C PRO A 320 -6.41 -15.91 47.44
N SER A 321 -5.18 -15.62 47.84
CA SER A 321 -4.95 -14.91 49.10
C SER A 321 -5.22 -13.41 48.94
N PHE A 322 -5.03 -12.88 47.73
CA PHE A 322 -5.30 -11.47 47.48
C PHE A 322 -6.79 -11.18 47.50
N PHE A 323 -7.57 -11.96 46.74
CA PHE A 323 -8.98 -11.64 46.55
C PHE A 323 -9.81 -12.04 47.76
N ALA A 324 -9.30 -12.96 48.59
CA ALA A 324 -9.96 -13.23 49.86
C ALA A 324 -9.79 -12.07 50.83
N GLY A 325 -8.69 -11.33 50.72
CA GLY A 325 -8.52 -10.14 51.54
C GLY A 325 -9.29 -8.95 51.01
N PHE A 326 -9.54 -8.92 49.69
CA PHE A 326 -10.37 -7.85 49.13
C PHE A 326 -11.84 -8.03 49.48
N GLY A 327 -12.29 -9.26 49.67
CA GLY A 327 -13.67 -9.54 50.02
C GLY A 327 -14.39 -10.49 49.09
N ASN A 328 -13.81 -10.86 47.95
CA ASN A 328 -14.42 -11.81 47.03
C ASN A 328 -13.48 -13.00 46.88
N PRO A 329 -13.63 -14.02 47.72
CA PRO A 329 -12.73 -15.16 47.65
C PRO A 329 -13.00 -16.03 46.44
N ILE A 330 -11.95 -16.73 46.00
CA ILE A 330 -12.03 -17.59 44.82
C ILE A 330 -12.32 -19.02 45.25
N PRO A 331 -13.25 -19.71 44.60
CA PRO A 331 -13.39 -21.15 44.82
C PRO A 331 -12.20 -21.91 44.26
N GLU A 332 -11.99 -23.12 44.80
CA GLU A 332 -10.85 -23.92 44.37
C GLU A 332 -11.10 -24.62 43.03
N ASN A 333 -12.35 -24.72 42.60
CA ASN A 333 -12.66 -25.42 41.36
C ASN A 333 -12.72 -24.50 40.14
N GLU A 334 -12.63 -23.18 40.32
CA GLU A 334 -12.70 -22.24 39.21
C GLU A 334 -11.30 -21.78 38.81
N ASN A 335 -11.21 -21.29 37.58
CA ASN A 335 -9.96 -20.70 37.08
C ASN A 335 -9.73 -19.36 37.77
N GLN A 336 -8.50 -19.16 38.25
CA GLN A 336 -8.22 -17.99 39.09
C GLN A 336 -8.10 -16.71 38.26
N THR A 337 -7.54 -16.79 37.07
CA THR A 337 -7.49 -15.60 36.22
C THR A 337 -8.84 -15.31 35.58
N GLU A 338 -9.64 -16.34 35.31
CA GLU A 338 -10.99 -16.12 34.81
C GLU A 338 -11.88 -15.46 35.86
N PHE A 339 -11.74 -15.88 37.13
CA PHE A 339 -12.49 -15.25 38.21
C PHE A 339 -12.03 -13.82 38.45
N ALA A 340 -10.75 -13.55 38.25
CA ALA A 340 -10.21 -12.21 38.52
C ALA A 340 -10.73 -11.20 37.51
N LEU A 341 -10.63 -11.52 36.22
CA LEU A 341 -11.13 -10.61 35.19
C LEU A 341 -12.65 -10.54 35.17
N ASP A 342 -13.35 -11.55 35.69
CA ASP A 342 -14.79 -11.45 35.86
C ASP A 342 -15.14 -10.41 36.92
N LEU A 343 -14.44 -10.44 38.05
CA LEU A 343 -14.70 -9.49 39.13
C LEU A 343 -14.26 -8.09 38.74
N ILE A 344 -13.17 -7.97 38.00
CA ILE A 344 -12.64 -6.67 37.59
C ILE A 344 -13.58 -5.99 36.61
N ARG A 345 -14.14 -6.74 35.66
CA ARG A 345 -15.09 -6.18 34.71
C ARG A 345 -16.41 -5.79 35.39
N GLU A 346 -16.84 -6.59 36.37
CA GLU A 346 -18.01 -6.23 37.18
C GLU A 346 -17.75 -4.97 37.99
N LEU A 347 -16.53 -4.80 38.49
CA LEU A 347 -16.17 -3.59 39.23
C LEU A 347 -16.10 -2.38 38.29
N GLU A 348 -15.76 -2.59 37.02
CA GLU A 348 -15.74 -1.50 36.05
C GLU A 348 -17.13 -0.95 35.79
N GLY A 349 -18.15 -1.80 35.85
CA GLY A 349 -19.53 -1.38 35.67
C GLY A 349 -20.23 -0.93 36.92
N SER A 350 -19.58 -1.04 38.08
CA SER A 350 -20.18 -0.63 39.34
C SER A 350 -20.20 0.89 39.46
N ALA A 351 -20.85 1.37 40.52
CA ALA A 351 -20.93 2.80 40.76
C ALA A 351 -19.61 3.35 41.25
N GLY A 352 -18.91 2.60 42.09
CA GLY A 352 -17.63 3.06 42.64
C GLY A 352 -16.42 2.73 41.82
N GLY A 353 -16.57 1.94 40.76
CA GLY A 353 -15.47 1.65 39.87
C GLY A 353 -14.52 0.61 40.44
N THR A 354 -13.32 0.57 39.86
CA THR A 354 -12.24 -0.27 40.35
C THR A 354 -11.38 0.45 41.38
N ARG A 355 -11.77 1.67 41.77
CA ARG A 355 -10.91 2.53 42.59
C ARG A 355 -10.73 1.97 44.00
N GLY A 356 -11.71 1.23 44.51
CA GLY A 356 -11.50 0.52 45.77
C GLY A 356 -10.50 -0.61 45.64
N LEU A 357 -10.51 -1.30 44.49
CA LEU A 357 -9.53 -2.35 44.24
C LEU A 357 -8.15 -1.78 43.94
N VAL A 358 -8.10 -0.60 43.30
CA VAL A 358 -6.82 0.03 43.01
C VAL A 358 -6.15 0.50 44.29
N GLU A 359 -6.93 1.06 45.21
CA GLU A 359 -6.40 1.43 46.52
C GLU A 359 -6.04 0.20 47.35
N PHE A 360 -6.81 -0.88 47.23
CA PHE A 360 -6.51 -2.10 47.98
C PHE A 360 -5.24 -2.76 47.49
N ASN A 361 -4.99 -2.72 46.18
CA ASN A 361 -3.76 -3.30 45.63
C ASN A 361 -2.54 -2.50 46.10
N LYS A 362 -2.66 -1.18 46.25
CA LYS A 362 -1.58 -0.38 46.78
C LYS A 362 -1.27 -0.74 48.23
N LYS A 363 -2.31 -0.98 49.03
CA LYS A 363 -2.11 -1.45 50.40
C LYS A 363 -1.52 -2.86 50.44
N TRP A 364 -1.89 -3.70 49.48
CA TRP A 364 -1.38 -5.07 49.42
C TRP A 364 0.10 -5.09 49.07
N GLN A 365 0.56 -4.14 48.23
CA GLN A 365 1.97 -4.09 47.91
C GLN A 365 2.80 -3.52 49.06
N GLU A 366 2.25 -2.53 49.79
CA GLU A 366 2.96 -1.99 50.94
C GLU A 366 3.00 -2.96 52.10
N MET A 367 2.07 -3.90 52.17
CA MET A 367 2.03 -4.83 53.29
C MET A 367 3.08 -5.93 53.14
N LYS A 368 3.41 -6.32 51.90
CA LYS A 368 4.44 -7.34 51.69
C LYS A 368 5.85 -6.78 51.71
N LYS A 369 6.02 -5.47 51.89
CA LYS A 369 7.32 -4.90 52.21
C LYS A 369 7.58 -4.85 53.70
N GLN A 370 6.72 -5.46 54.52
CA GLN A 370 6.93 -5.60 55.95
C GLN A 370 7.22 -7.03 56.38
N SER A 371 6.89 -8.01 55.55
CA SER A 371 7.13 -9.41 55.86
C SER A 371 8.61 -9.76 55.77
N ASN A 385 29.20 -1.55 43.45
CA ASN A 385 29.79 -2.74 42.86
C ASN A 385 29.76 -2.69 41.33
N LEU A 386 29.11 -3.67 40.71
CA LEU A 386 29.07 -3.77 39.25
C LEU A 386 28.06 -2.78 38.70
N THR A 387 28.50 -1.85 37.86
CA THR A 387 27.60 -0.89 37.25
C THR A 387 26.89 -1.52 36.05
N LEU A 388 25.98 -0.77 35.43
CA LEU A 388 25.09 -1.34 34.42
C LEU A 388 25.83 -1.66 33.13
N LYS A 389 26.71 -0.77 32.67
CA LYS A 389 27.47 -1.05 31.45
C LYS A 389 28.50 -2.16 31.69
N GLU A 390 28.98 -2.30 32.92
CA GLU A 390 29.80 -3.46 33.25
C GLU A 390 28.97 -4.73 33.36
N ALA A 391 27.74 -4.64 33.88
CA ALA A 391 26.91 -5.83 34.01
C ALA A 391 26.38 -6.31 32.66
N ILE A 392 26.21 -5.38 31.72
CA ILE A 392 25.81 -5.79 30.38
C ILE A 392 26.98 -6.44 29.65
N SER A 393 28.18 -5.88 29.79
CA SER A 393 29.37 -6.46 29.18
C SER A 393 29.75 -7.78 29.82
N ALA A 394 29.46 -7.95 31.12
CA ALA A 394 29.64 -9.25 31.75
C ALA A 394 28.59 -10.24 31.29
N SER A 395 27.46 -9.76 30.76
CA SER A 395 26.42 -10.62 30.22
C SER A 395 26.66 -11.02 28.78
N ILE A 396 27.31 -10.16 27.97
CA ILE A 396 27.74 -10.56 26.63
C ILE A 396 28.81 -11.64 26.73
N SER A 397 29.68 -11.52 27.73
CA SER A 397 30.72 -12.52 27.97
C SER A 397 30.14 -13.88 28.38
N ARG A 398 28.91 -13.91 28.90
CA ARG A 398 28.27 -15.17 29.27
C ARG A 398 27.53 -15.81 28.11
N GLY A 399 27.14 -15.04 27.10
CA GLY A 399 26.50 -15.62 25.93
C GLY A 399 25.22 -14.94 25.50
N LYS A 400 24.74 -13.98 26.30
CA LYS A 400 23.57 -13.21 25.94
C LYS A 400 23.97 -12.17 24.89
N LEU A 401 23.09 -11.97 23.90
CA LEU A 401 23.31 -11.08 22.75
C LEU A 401 24.63 -11.43 22.05
N VAL A 402 24.58 -12.57 21.36
CA VAL A 402 25.77 -13.29 20.86
C VAL A 402 26.73 -12.46 20.02
N LEU A 419 35.18 -4.55 28.30
CA LEU A 419 34.50 -4.96 27.07
C LEU A 419 33.47 -3.93 26.64
N ALA A 420 33.62 -3.41 25.43
CA ALA A 420 32.66 -2.47 24.88
C ALA A 420 31.42 -3.20 24.41
N VAL A 421 30.30 -2.47 24.38
CA VAL A 421 29.02 -3.01 23.93
C VAL A 421 28.76 -2.46 22.53
N PRO A 422 28.87 -3.26 21.48
CA PRO A 422 28.58 -2.76 20.13
C PRO A 422 27.09 -2.54 19.92
N ALA A 423 26.76 -1.41 19.33
CA ALA A 423 25.36 -1.09 19.05
C ALA A 423 24.76 -1.95 17.98
N PHE A 424 25.60 -2.53 17.11
CA PHE A 424 25.14 -3.38 16.02
C PHE A 424 25.98 -4.66 16.03
N ALA A 425 25.34 -5.77 15.66
CA ALA A 425 26.01 -7.07 15.72
C ALA A 425 27.08 -7.23 14.66
N ASN A 426 26.95 -6.52 13.55
CA ASN A 426 27.77 -6.73 12.37
C ASN A 426 28.28 -5.40 11.87
N PRO A 427 29.38 -5.40 11.11
CA PRO A 427 29.79 -4.18 10.40
C PRO A 427 28.77 -3.80 9.33
N PHE A 428 28.90 -2.56 8.84
CA PHE A 428 27.90 -2.03 7.93
C PHE A 428 27.91 -2.75 6.58
N TRP A 429 29.06 -3.28 6.17
CA TRP A 429 29.16 -4.00 4.91
C TRP A 429 28.61 -5.41 5.00
N ILE A 430 28.54 -5.99 6.20
CA ILE A 430 27.81 -7.23 6.39
C ILE A 430 26.32 -6.98 6.33
N GLU A 431 25.89 -5.82 6.86
CA GLU A 431 24.48 -5.45 6.80
C GLU A 431 24.04 -5.06 5.40
N ILE A 432 24.94 -4.47 4.60
CA ILE A 432 24.63 -4.17 3.21
C ILE A 432 24.47 -5.47 2.43
N LYS A 433 25.32 -6.46 2.71
CA LYS A 433 25.25 -7.74 2.03
C LYS A 433 23.97 -8.49 2.36
N THR A 434 23.50 -8.40 3.60
CA THR A 434 22.26 -9.07 3.99
C THR A 434 21.05 -8.35 3.42
N LEU A 435 21.04 -7.02 3.46
CA LEU A 435 19.91 -6.25 2.95
C LEU A 435 19.82 -6.32 1.44
N THR A 436 20.95 -6.49 0.75
CA THR A 436 20.95 -6.63 -0.71
C THR A 436 20.35 -7.97 -1.12
N ARG A 437 20.69 -9.04 -0.41
CA ARG A 437 20.18 -10.37 -0.74
C ARG A 437 18.68 -10.48 -0.49
N ARG A 438 18.15 -9.79 0.51
CA ARG A 438 16.72 -9.82 0.76
C ARG A 438 15.95 -9.04 -0.30
N SER A 439 16.51 -7.92 -0.77
CA SER A 439 15.89 -7.17 -1.87
C SER A 439 15.96 -7.92 -3.18
N ILE A 440 17.04 -8.67 -3.41
CA ILE A 440 17.13 -9.49 -4.60
C ILE A 440 16.13 -10.65 -4.51
N LEU A 441 16.00 -11.24 -3.33
CA LEU A 441 15.05 -12.33 -3.13
C LEU A 441 13.61 -11.86 -3.23
N ASN A 442 13.30 -10.64 -2.81
CA ASN A 442 11.96 -10.12 -3.03
C ASN A 442 11.72 -9.77 -4.49
N SER A 443 12.77 -9.54 -5.27
CA SER A 443 12.60 -9.26 -6.69
C SER A 443 12.48 -10.53 -7.53
N ARG A 444 13.14 -11.61 -7.10
CA ARG A 444 12.98 -12.88 -7.80
C ARG A 444 11.58 -13.44 -7.63
N ARG A 445 10.96 -13.20 -6.47
CA ARG A 445 9.64 -13.73 -6.20
C ARG A 445 8.54 -12.97 -6.92
N GLN A 446 8.80 -11.73 -7.34
CA GLN A 446 7.88 -10.95 -8.15
C GLN A 446 8.61 -10.51 -9.41
N PRO A 447 8.85 -11.42 -10.35
CA PRO A 447 9.66 -11.08 -11.53
C PRO A 447 9.00 -10.12 -12.48
N GLU A 448 7.68 -9.95 -12.39
CA GLU A 448 6.93 -9.05 -13.25
C GLU A 448 7.17 -7.57 -12.92
N LEU A 449 7.78 -7.26 -11.79
CA LEU A 449 8.12 -5.88 -11.47
C LEU A 449 9.24 -5.38 -12.38
N LEU A 450 10.37 -6.10 -12.38
CA LEU A 450 11.46 -5.75 -13.29
C LEU A 450 11.12 -6.12 -14.73
N GLY A 451 10.32 -7.17 -14.92
CA GLY A 451 9.96 -7.60 -16.27
C GLY A 451 9.10 -6.60 -17.01
N MET A 452 8.18 -5.94 -16.31
CA MET A 452 7.35 -4.93 -16.95
C MET A 452 8.07 -3.60 -17.10
N ARG A 453 8.97 -3.26 -16.17
CA ARG A 453 9.79 -2.07 -16.34
C ARG A 453 10.73 -2.21 -17.53
N LEU A 454 11.25 -3.42 -17.75
CA LEU A 454 12.04 -3.67 -18.93
C LEU A 454 11.20 -3.65 -20.19
N ALA A 455 9.95 -4.11 -20.09
CA ALA A 455 9.09 -4.20 -21.27
C ALA A 455 8.60 -2.84 -21.73
N THR A 456 8.25 -1.95 -20.80
CA THR A 456 7.79 -0.62 -21.21
C THR A 456 8.93 0.24 -21.73
N VAL A 457 10.17 0.03 -21.25
CA VAL A 457 11.30 0.78 -21.77
C VAL A 457 11.65 0.34 -23.18
N ILE A 458 11.61 -0.98 -23.43
CA ILE A 458 11.87 -1.52 -24.76
C ILE A 458 10.79 -1.08 -25.75
N VAL A 459 9.53 -1.06 -25.31
CA VAL A 459 8.44 -0.64 -26.17
C VAL A 459 8.52 0.86 -26.47
N THR A 460 8.84 1.67 -25.45
CA THR A 460 9.08 3.10 -25.67
C THR A 460 10.24 3.34 -26.62
N GLY A 461 11.29 2.53 -26.51
CA GLY A 461 12.38 2.64 -27.46
C GLY A 461 12.02 2.17 -28.85
N PHE A 462 11.15 1.17 -28.95
CA PHE A 462 10.73 0.68 -30.27
C PHE A 462 9.78 1.66 -30.95
N ILE A 463 8.91 2.31 -30.16
CA ILE A 463 7.97 3.27 -30.73
C ILE A 463 8.70 4.49 -31.25
N LEU A 464 9.64 5.02 -30.46
CA LEU A 464 10.46 6.14 -30.89
C LEU A 464 11.39 5.80 -32.04
N ALA A 465 11.74 4.52 -32.20
CA ALA A 465 12.58 4.10 -33.32
C ALA A 465 11.82 4.15 -34.64
N THR A 466 10.53 3.82 -34.61
CA THR A 466 9.74 3.85 -35.83
C THR A 466 9.23 5.25 -36.15
N VAL A 467 9.03 6.06 -35.12
CA VAL A 467 8.54 7.42 -35.30
C VAL A 467 9.67 8.34 -35.76
N PHE A 468 10.85 8.20 -35.17
CA PHE A 468 12.00 9.06 -35.43
C PHE A 468 13.07 8.33 -36.23
N TRP A 469 12.66 7.55 -37.23
CA TRP A 469 13.55 6.67 -37.96
C TRP A 469 14.51 7.46 -38.85
N ARG A 470 15.81 7.35 -38.53
CA ARG A 470 16.96 7.80 -39.33
C ARG A 470 16.82 9.26 -39.77
N LEU A 471 16.82 10.14 -38.77
CA LEU A 471 16.63 11.56 -38.98
C LEU A 471 17.77 12.16 -39.79
N ASP A 472 17.44 13.15 -40.60
CA ASP A 472 18.36 13.70 -41.58
C ASP A 472 18.73 15.14 -41.24
N ASN A 473 19.70 15.66 -41.99
CA ASN A 473 20.20 17.02 -41.85
C ASN A 473 19.24 17.97 -42.57
N SER A 474 18.20 18.40 -41.87
CA SER A 474 17.21 19.31 -42.41
C SER A 474 16.76 20.23 -41.27
N PRO A 475 16.11 21.35 -41.58
CA PRO A 475 15.53 22.17 -40.50
C PRO A 475 14.48 21.44 -39.69
N LYS A 476 13.72 20.53 -40.30
CA LYS A 476 12.80 19.71 -39.53
C LYS A 476 13.51 18.51 -38.91
N GLY A 477 14.63 18.09 -39.49
CA GLY A 477 15.47 17.09 -38.85
C GLY A 477 16.19 17.59 -37.61
N VAL A 478 16.32 18.91 -37.45
CA VAL A 478 16.80 19.48 -36.21
C VAL A 478 15.71 19.47 -35.15
N GLN A 479 14.52 19.96 -35.51
CA GLN A 479 13.39 19.98 -34.56
C GLN A 479 12.92 18.58 -34.22
N GLU A 480 13.14 17.61 -35.11
CA GLU A 480 12.89 16.22 -34.76
C GLU A 480 13.89 15.71 -33.73
N ARG A 481 15.18 16.09 -33.89
CA ARG A 481 16.19 15.70 -32.91
C ARG A 481 15.94 16.35 -31.56
N LEU A 482 15.56 17.63 -31.55
CA LEU A 482 15.29 18.32 -30.31
C LEU A 482 14.06 17.76 -29.61
N GLY A 483 13.06 17.35 -30.38
CA GLY A 483 11.85 16.81 -29.79
C GLY A 483 11.97 15.36 -29.40
N PHE A 484 12.82 14.60 -30.10
CA PHE A 484 13.14 13.25 -29.67
C PHE A 484 13.86 13.25 -28.33
N PHE A 485 14.89 14.10 -28.20
CA PHE A 485 15.70 14.14 -27.00
C PHE A 485 14.92 14.72 -25.83
N ALA A 486 14.04 15.70 -26.09
CA ALA A 486 13.16 16.20 -25.05
C ALA A 486 12.18 15.14 -24.58
N PHE A 487 11.67 14.32 -25.50
CA PHE A 487 10.73 13.28 -25.12
C PHE A 487 11.44 12.13 -24.41
N ALA A 488 12.63 11.75 -24.90
CA ALA A 488 13.35 10.63 -24.32
C ALA A 488 13.84 10.94 -22.91
N MET A 489 14.36 12.15 -22.69
CA MET A 489 14.78 12.55 -21.36
C MET A 489 13.61 12.69 -20.40
N SER A 490 12.45 13.12 -20.90
CA SER A 490 11.30 13.35 -20.02
C SER A 490 10.66 12.04 -19.58
N THR A 491 10.59 11.04 -20.45
CA THR A 491 9.99 9.78 -20.04
C THR A 491 10.93 8.97 -19.17
N MET A 492 12.23 9.25 -19.23
CA MET A 492 13.18 8.64 -18.30
C MET A 492 12.90 9.07 -16.87
N PHE A 493 12.71 10.38 -16.66
CA PHE A 493 12.46 10.87 -15.32
C PHE A 493 11.07 10.49 -14.84
N TYR A 494 10.11 10.41 -15.74
CA TYR A 494 8.76 9.97 -15.37
C TYR A 494 8.70 8.47 -15.13
N THR A 495 9.56 7.69 -15.79
CA THR A 495 9.70 6.27 -15.47
C THR A 495 10.17 6.07 -14.04
N CYS A 496 11.06 6.96 -13.58
CA CYS A 496 11.65 6.86 -12.24
C CYS A 496 10.66 7.11 -11.12
N ALA A 497 9.48 7.64 -11.43
CA ALA A 497 8.46 7.83 -10.40
C ALA A 497 7.89 6.52 -9.89
N ASP A 498 8.10 5.40 -10.60
CA ASP A 498 7.62 4.13 -10.07
C ASP A 498 8.46 3.59 -8.91
N ALA A 499 9.58 4.25 -8.60
CA ALA A 499 10.38 3.93 -7.44
C ALA A 499 9.82 4.51 -6.15
N LEU A 500 8.79 5.34 -6.21
CA LEU A 500 8.20 5.96 -5.02
C LEU A 500 7.57 4.97 -4.03
N PRO A 501 6.83 3.93 -4.42
CA PRO A 501 6.36 2.99 -3.40
C PRO A 501 7.39 1.98 -2.91
N VAL A 502 8.64 2.04 -3.38
CA VAL A 502 9.64 1.05 -2.98
C VAL A 502 9.97 1.18 -1.50
N PHE A 503 10.26 2.40 -1.05
CA PHE A 503 10.47 2.62 0.38
C PHE A 503 9.16 2.58 1.15
N LEU A 504 8.06 3.00 0.52
CA LEU A 504 6.80 3.18 1.24
C LEU A 504 6.13 1.86 1.60
N GLN A 505 6.28 0.81 0.80
CA GLN A 505 5.82 -0.50 1.24
C GLN A 505 6.83 -1.25 2.10
N GLU A 506 8.04 -0.73 2.26
CA GLU A 506 9.02 -1.31 3.17
C GLU A 506 9.14 -0.53 4.48
N ARG A 507 8.46 0.61 4.60
CA ARG A 507 8.80 1.61 5.61
C ARG A 507 8.43 1.14 7.02
N TYR A 508 7.28 0.49 7.15
CA TYR A 508 6.86 0.01 8.47
C TYR A 508 7.71 -1.16 8.94
N ILE A 509 8.17 -2.01 8.03
CA ILE A 509 9.10 -3.06 8.40
C ILE A 509 10.47 -2.47 8.71
N PHE A 510 10.85 -1.42 7.97
CA PHE A 510 12.12 -0.72 8.20
C PHE A 510 12.13 -0.06 9.56
N MET A 511 10.99 0.51 9.97
CA MET A 511 10.88 1.17 11.27
C MET A 511 10.97 0.18 12.40
N ARG A 512 10.38 -1.01 12.22
CA ARG A 512 10.41 -2.03 13.26
C ARG A 512 11.79 -2.64 13.43
N GLU A 513 12.50 -2.85 12.32
CA GLU A 513 13.82 -3.48 12.40
C GLU A 513 14.87 -2.52 12.90
N THR A 514 14.79 -1.25 12.52
CA THR A 514 15.79 -0.28 12.95
C THR A 514 15.53 0.26 14.35
N ALA A 515 14.35 0.00 14.91
CA ALA A 515 14.06 0.43 16.28
C ALA A 515 14.87 -0.33 17.32
N TYR A 516 15.35 -1.53 16.99
CA TYR A 516 16.12 -2.36 17.90
C TYR A 516 17.41 -2.83 17.25
N ASN A 517 17.90 -2.03 16.30
CA ASN A 517 19.28 -2.09 15.77
C ASN A 517 19.57 -3.41 15.04
N ALA A 518 18.67 -3.78 14.13
CA ALA A 518 18.96 -4.91 13.26
C ALA A 518 19.99 -4.54 12.21
N TYR A 519 19.95 -3.30 11.74
CA TYR A 519 20.94 -2.77 10.81
C TYR A 519 20.89 -1.26 10.93
N ARG A 520 21.98 -0.62 10.51
CA ARG A 520 22.02 0.83 10.46
C ARG A 520 21.08 1.36 9.38
N ARG A 521 20.58 2.57 9.60
CA ARG A 521 19.79 3.23 8.57
C ARG A 521 20.65 3.71 7.42
N SER A 522 21.94 3.89 7.64
CA SER A 522 22.87 4.19 6.55
C SER A 522 23.08 2.98 5.66
N SER A 523 23.16 1.78 6.27
CA SER A 523 23.28 0.55 5.50
C SER A 523 22.06 0.30 4.62
N TYR A 524 20.88 0.70 5.09
CA TYR A 524 19.66 0.58 4.30
C TYR A 524 19.69 1.47 3.07
N VAL A 525 20.14 2.71 3.24
CA VAL A 525 20.23 3.65 2.12
C VAL A 525 21.28 3.18 1.11
N LEU A 526 22.39 2.65 1.61
CA LEU A 526 23.44 2.17 0.73
C LEU A 526 23.03 0.91 -0.01
N SER A 527 22.33 0.01 0.68
CA SER A 527 21.86 -1.22 0.04
C SER A 527 20.77 -0.94 -0.98
N HIS A 528 19.89 0.02 -0.70
CA HIS A 528 18.83 0.36 -1.64
C HIS A 528 19.37 1.01 -2.90
N ALA A 529 20.43 1.79 -2.80
CA ALA A 529 21.06 2.36 -3.98
C ALA A 529 21.86 1.35 -4.76
N ILE A 530 22.29 0.26 -4.12
CA ILE A 530 23.07 -0.77 -4.79
C ILE A 530 22.16 -1.76 -5.51
N VAL A 531 20.99 -2.07 -4.95
CA VAL A 531 20.14 -3.09 -5.56
C VAL A 531 19.42 -2.58 -6.80
N THR A 532 19.15 -1.27 -6.86
CA THR A 532 18.38 -0.76 -7.99
C THR A 532 19.27 -0.44 -9.18
N PHE A 533 20.57 -0.35 -8.97
CA PHE A 533 21.53 0.00 -10.00
C PHE A 533 21.74 -1.04 -11.11
N PRO A 534 21.70 -2.38 -10.87
CA PRO A 534 21.71 -3.28 -12.03
C PRO A 534 20.49 -3.16 -12.91
N SER A 535 19.31 -2.87 -12.36
CA SER A 535 18.13 -2.70 -13.20
C SER A 535 18.19 -1.41 -13.99
N LEU A 536 18.79 -0.35 -13.43
CA LEU A 536 18.99 0.88 -14.17
C LEU A 536 19.96 0.69 -15.33
N ILE A 537 20.90 -0.25 -15.20
CA ILE A 537 21.82 -0.53 -16.29
C ILE A 537 21.10 -1.26 -17.41
N PHE A 538 20.18 -2.16 -17.07
CA PHE A 538 19.44 -2.91 -18.07
C PHE A 538 18.45 -2.02 -18.80
N LEU A 539 17.81 -1.09 -18.08
CA LEU A 539 16.92 -0.13 -18.73
C LEU A 539 17.68 0.85 -19.60
N SER A 540 18.89 1.21 -19.20
CA SER A 540 19.68 2.16 -19.98
C SER A 540 20.24 1.50 -21.23
N LEU A 541 20.62 0.24 -21.13
CA LEU A 541 21.09 -0.49 -22.29
C LEU A 541 19.95 -0.83 -23.23
N ALA A 542 18.76 -1.13 -22.69
CA ALA A 542 17.62 -1.43 -23.54
C ALA A 542 17.14 -0.21 -24.30
N PHE A 543 17.17 0.96 -23.67
CA PHE A 543 16.75 2.15 -24.39
C PHE A 543 17.81 2.63 -25.38
N ALA A 544 19.08 2.44 -25.07
CA ALA A 544 20.12 2.97 -25.95
C ALA A 544 20.29 2.14 -27.20
N VAL A 545 20.11 0.81 -27.13
CA VAL A 545 20.30 0.01 -28.33
C VAL A 545 19.09 0.05 -29.24
N THR A 546 17.89 0.33 -28.71
CA THR A 546 16.72 0.46 -29.57
C THR A 546 16.63 1.82 -30.24
N THR A 547 17.39 2.81 -29.80
CA THR A 547 17.22 4.17 -30.31
C THR A 547 18.46 4.80 -30.92
N PHE A 548 19.68 4.31 -30.64
CA PHE A 548 20.86 5.01 -31.15
C PHE A 548 21.01 4.79 -32.65
N TRP A 549 20.92 3.55 -33.10
CA TRP A 549 21.16 3.22 -34.49
C TRP A 549 19.92 3.47 -35.36
N ALA A 550 18.74 3.44 -34.77
CA ALA A 550 17.50 3.61 -35.51
C ALA A 550 17.12 5.08 -35.71
N VAL A 551 17.33 5.92 -34.70
CA VAL A 551 17.14 7.35 -34.89
C VAL A 551 18.33 7.93 -35.66
N GLY A 552 19.48 7.28 -35.62
CA GLY A 552 20.61 7.71 -36.40
C GLY A 552 21.43 8.78 -35.71
N LEU A 553 21.75 8.58 -34.44
CA LEU A 553 22.49 9.56 -33.68
C LEU A 553 23.97 9.54 -34.04
N GLU A 554 24.65 10.64 -33.76
CA GLU A 554 26.02 10.82 -34.17
C GLU A 554 27.00 10.38 -33.09
N GLY A 555 28.24 10.11 -33.50
CA GLY A 555 29.34 9.83 -32.61
C GLY A 555 30.01 8.49 -32.86
N GLY A 556 29.31 7.57 -33.50
CA GLY A 556 29.85 6.25 -33.70
C GLY A 556 29.77 5.44 -32.44
N LEU A 557 30.87 4.77 -32.09
CA LEU A 557 30.89 3.93 -30.90
C LEU A 557 31.06 4.77 -29.63
N MET A 558 31.90 5.79 -29.68
CA MET A 558 32.08 6.65 -28.52
C MET A 558 30.87 7.54 -28.28
N GLY A 559 30.12 7.88 -29.31
CA GLY A 559 28.87 8.58 -29.12
C GLY A 559 27.78 7.69 -28.55
N PHE A 560 27.82 6.40 -28.89
CA PHE A 560 26.91 5.44 -28.27
C PHE A 560 27.25 5.22 -26.81
N LEU A 561 28.55 5.19 -26.49
CA LEU A 561 29.00 4.96 -25.13
C LEU A 561 28.62 6.12 -24.21
N PHE A 562 28.77 7.36 -24.67
CA PHE A 562 28.29 8.50 -23.92
C PHE A 562 26.77 8.49 -23.79
N TYR A 563 26.08 7.99 -24.81
CA TYR A 563 24.62 7.94 -24.80
C TYR A 563 24.11 6.96 -23.74
N CYS A 564 24.77 5.80 -23.59
CA CYS A 564 24.43 4.87 -22.53
C CYS A 564 24.70 5.46 -21.15
N LEU A 565 25.77 6.26 -21.04
CA LEU A 565 26.17 6.81 -19.75
C LEU A 565 25.20 7.89 -19.27
N ILE A 566 24.72 8.73 -20.20
CA ILE A 566 23.87 9.83 -19.79
C ILE A 566 22.43 9.38 -19.58
N ILE A 567 22.01 8.26 -20.19
CA ILE A 567 20.72 7.67 -19.84
C ILE A 567 20.78 7.06 -18.45
N LEU A 568 21.90 6.38 -18.15
CA LEU A 568 22.11 5.78 -16.84
C LEU A 568 22.17 6.84 -15.74
N ALA A 569 22.84 7.96 -16.02
CA ALA A 569 22.87 9.07 -15.07
C ALA A 569 21.50 9.70 -14.90
N SER A 570 20.70 9.73 -15.95
CA SER A 570 19.32 10.23 -15.86
C SER A 570 18.47 9.34 -14.97
N PHE A 571 18.57 8.02 -15.16
CA PHE A 571 17.84 7.08 -14.35
C PHE A 571 18.32 7.12 -12.91
N TRP A 572 19.64 7.29 -12.72
CA TRP A 572 20.21 7.39 -11.39
C TRP A 572 19.77 8.67 -10.69
N SER A 573 19.84 9.80 -11.40
CA SER A 573 19.41 11.07 -10.83
C SER A 573 17.91 11.09 -10.54
N GLY A 574 17.11 10.55 -11.47
CA GLY A 574 15.68 10.56 -11.29
C GLY A 574 15.21 9.63 -10.18
N SER A 575 15.85 8.47 -10.06
CA SER A 575 15.47 7.53 -9.00
C SER A 575 15.86 8.05 -7.63
N SER A 576 16.99 8.74 -7.54
CA SER A 576 17.46 9.25 -6.27
C SER A 576 16.55 10.36 -5.76
N PHE A 577 16.02 11.16 -6.67
CA PHE A 577 15.13 12.24 -6.28
C PHE A 577 13.76 11.72 -5.87
N VAL A 578 13.25 10.71 -6.57
CA VAL A 578 11.97 10.10 -6.22
C VAL A 578 12.11 9.31 -4.92
N THR A 579 13.30 8.74 -4.66
CA THR A 579 13.56 8.11 -3.36
C THR A 579 13.57 9.13 -2.24
N PHE A 580 14.17 10.31 -2.48
CA PHE A 580 14.19 11.36 -1.46
C PHE A 580 12.78 11.86 -1.16
N LEU A 581 11.94 11.99 -2.17
CA LEU A 581 10.57 12.41 -1.90
C LEU A 581 9.73 11.31 -1.27
N SER A 582 10.12 10.04 -1.45
CA SER A 582 9.44 8.96 -0.73
C SER A 582 9.74 8.99 0.76
N GLY A 583 10.92 9.48 1.14
CA GLY A 583 11.24 9.67 2.54
C GLY A 583 10.71 10.94 3.15
N VAL A 584 10.18 11.86 2.33
CA VAL A 584 9.62 13.11 2.82
C VAL A 584 8.11 13.00 3.01
N VAL A 585 7.42 12.27 2.13
CA VAL A 585 5.98 12.10 2.25
C VAL A 585 5.67 10.86 3.08
N PRO A 586 4.52 10.79 3.75
CA PRO A 586 4.12 9.53 4.38
C PRO A 586 3.37 8.60 3.44
N HIS A 587 2.72 9.18 2.44
CA HIS A 587 1.68 8.53 1.68
C HIS A 587 2.10 8.32 0.25
N VAL A 588 1.64 7.22 -0.35
CA VAL A 588 1.96 6.95 -1.74
C VAL A 588 1.17 7.88 -2.66
N MET A 589 -0.02 8.32 -2.24
CA MET A 589 -0.81 9.19 -3.10
C MET A 589 -0.38 10.65 -2.96
N LEU A 590 -0.01 11.07 -1.75
CA LEU A 590 0.65 12.36 -1.55
C LEU A 590 1.93 12.46 -2.35
N GLY A 591 2.70 11.37 -2.38
CA GLY A 591 4.00 11.40 -3.03
C GLY A 591 3.88 11.47 -4.54
N TYR A 592 2.92 10.77 -5.12
CA TYR A 592 2.73 10.82 -6.56
C TYR A 592 2.16 12.16 -7.01
N THR A 593 1.40 12.83 -6.15
CA THR A 593 0.94 14.17 -6.47
C THR A 593 2.11 15.15 -6.52
N ILE A 594 3.10 14.95 -5.66
CA ILE A 594 4.20 15.89 -5.53
C ILE A 594 5.29 15.60 -6.57
N VAL A 595 5.60 14.32 -6.80
CA VAL A 595 6.64 13.93 -7.77
C VAL A 595 6.25 14.35 -9.19
N VAL A 596 4.99 14.11 -9.57
CA VAL A 596 4.52 14.43 -10.91
C VAL A 596 4.52 15.95 -11.14
N ALA A 597 4.16 16.72 -10.11
CA ALA A 597 4.17 18.17 -10.22
C ALA A 597 5.58 18.73 -10.35
N ILE A 598 6.53 18.20 -9.57
CA ILE A 598 7.89 18.73 -9.60
C ILE A 598 8.63 18.28 -10.86
N LEU A 599 8.35 17.07 -11.34
CA LEU A 599 8.92 16.62 -12.61
C LEU A 599 8.41 17.44 -13.79
N ALA A 600 7.19 17.96 -13.68
CA ALA A 600 6.69 18.88 -14.69
C ALA A 600 7.38 20.23 -14.61
N TYR A 601 7.77 20.67 -13.42
CA TYR A 601 8.49 21.94 -13.31
C TYR A 601 9.94 21.80 -13.75
N PHE A 602 10.52 20.62 -13.58
CA PHE A 602 11.83 20.34 -14.14
C PHE A 602 11.80 20.39 -15.67
N LEU A 603 10.69 19.95 -16.26
CA LEU A 603 10.56 19.99 -17.71
C LEU A 603 10.32 21.39 -18.23
N LEU A 604 9.50 22.17 -17.53
CA LEU A 604 9.16 23.52 -17.97
C LEU A 604 10.37 24.44 -17.98
N PHE A 605 11.28 24.25 -17.03
CA PHE A 605 12.48 25.08 -16.92
C PHE A 605 13.73 24.35 -17.38
N SER A 606 13.56 23.28 -18.15
CA SER A 606 14.71 22.51 -18.64
C SER A 606 15.45 23.26 -19.74
N GLY A 607 14.75 24.05 -20.52
CA GLY A 607 15.34 24.69 -21.69
C GLY A 607 14.81 24.19 -23.02
N PHE A 608 13.94 23.18 -23.07
CA PHE A 608 13.37 22.77 -24.35
C PHE A 608 11.92 23.16 -24.55
N PHE A 609 11.14 23.40 -23.48
CA PHE A 609 9.85 24.05 -23.67
C PHE A 609 10.05 25.52 -24.02
N ILE A 610 10.61 26.29 -23.12
CA ILE A 610 11.02 27.66 -23.43
C ILE A 610 12.52 27.75 -23.17
N ASN A 611 13.18 28.60 -23.95
CA ASN A 611 14.62 28.73 -23.89
C ASN A 611 15.04 29.45 -22.61
N ARG A 612 16.34 29.38 -22.31
CA ARG A 612 16.88 30.04 -21.13
C ARG A 612 16.80 31.56 -21.25
N ASP A 613 16.85 32.09 -22.47
CA ASP A 613 16.71 33.54 -22.65
C ASP A 613 15.27 34.00 -22.46
N ARG A 614 14.29 33.10 -22.55
CA ARG A 614 12.89 33.46 -22.39
C ARG A 614 12.36 33.14 -20.99
N ILE A 615 13.07 32.33 -20.22
CA ILE A 615 12.71 32.08 -18.81
C ILE A 615 12.84 33.41 -18.04
N PRO A 616 11.85 33.78 -17.23
CA PRO A 616 11.94 35.03 -16.46
C PRO A 616 13.09 34.99 -15.45
N GLN A 617 13.55 36.18 -15.06
CA GLN A 617 14.73 36.30 -14.22
C GLN A 617 14.49 35.74 -12.82
N TYR A 618 13.26 35.81 -12.33
CA TYR A 618 12.92 35.28 -11.02
C TYR A 618 12.67 33.78 -11.04
N TRP A 619 12.82 33.12 -12.18
CA TRP A 619 12.72 31.66 -12.26
C TRP A 619 14.02 31.00 -12.69
N ILE A 620 15.06 31.79 -12.98
CA ILE A 620 16.28 31.23 -13.55
C ILE A 620 17.08 30.44 -12.51
N TRP A 621 16.82 30.64 -11.22
CA TRP A 621 17.40 29.79 -10.19
C TRP A 621 16.87 28.37 -10.28
N PHE A 622 15.60 28.21 -10.64
CA PHE A 622 14.99 26.90 -10.77
C PHE A 622 15.37 26.23 -12.07
N HIS A 623 15.77 27.01 -13.08
CA HIS A 623 16.29 26.43 -14.30
C HIS A 623 17.59 25.69 -14.05
N TYR A 624 18.46 26.23 -13.19
CA TYR A 624 19.72 25.58 -12.84
C TYR A 624 19.55 24.46 -11.82
N LEU A 625 18.36 24.29 -11.25
CA LEU A 625 18.04 23.16 -10.40
C LEU A 625 17.19 22.13 -11.11
N SER A 626 16.95 22.32 -12.41
CA SER A 626 16.18 21.37 -13.19
C SER A 626 16.97 20.09 -13.39
N LEU A 627 16.39 18.95 -13.00
CA LEU A 627 17.09 17.69 -13.14
C LEU A 627 17.19 17.23 -14.58
N VAL A 628 16.27 17.68 -15.44
CA VAL A 628 16.27 17.26 -16.83
C VAL A 628 17.23 18.09 -17.67
N LYS A 629 17.60 19.29 -17.20
CA LYS A 629 18.37 20.24 -18.00
C LYS A 629 19.75 19.70 -18.36
N TYR A 630 20.46 19.16 -17.40
CA TYR A 630 21.84 18.74 -17.60
C TYR A 630 22.01 17.45 -18.43
N PRO A 631 21.16 16.42 -18.33
CA PRO A 631 21.27 15.35 -19.32
C PRO A 631 20.76 15.72 -20.70
N TYR A 632 19.74 16.58 -20.80
CA TYR A 632 19.27 17.07 -22.10
C TYR A 632 20.33 17.92 -22.78
N GLU A 633 21.03 18.75 -22.01
CA GLU A 633 22.13 19.52 -22.59
C GLU A 633 23.32 18.65 -22.93
N ALA A 634 23.42 17.46 -22.33
CA ALA A 634 24.51 16.55 -22.62
C ALA A 634 24.26 15.72 -23.87
N VAL A 635 23.01 15.32 -24.14
CA VAL A 635 22.73 14.59 -25.38
C VAL A 635 22.76 15.51 -26.59
N LEU A 636 22.50 16.81 -26.39
CA LEU A 636 22.55 17.73 -27.52
C LEU A 636 23.98 17.99 -27.95
N GLN A 637 24.91 18.11 -27.01
CA GLN A 637 26.31 18.26 -27.39
C GLN A 637 26.91 16.96 -27.89
N ASN A 638 26.32 15.82 -27.52
CA ASN A 638 26.74 14.55 -28.11
C ASN A 638 26.21 14.40 -29.53
N GLU A 639 25.00 14.89 -29.79
CA GLU A 639 24.43 14.84 -31.13
C GLU A 639 25.13 15.81 -32.07
N PHE A 640 25.10 17.10 -31.72
CA PHE A 640 25.73 18.14 -32.53
C PHE A 640 27.21 18.31 -32.16
N SER A 641 27.96 17.22 -32.13
CA SER A 641 29.36 17.23 -31.77
C SER A 641 30.28 17.58 -32.92
N ASP A 642 29.75 17.60 -34.15
CA ASP A 642 30.48 18.13 -35.28
C ASP A 642 30.10 19.59 -35.46
N PRO A 643 31.01 20.54 -35.19
CA PRO A 643 30.63 21.95 -35.23
C PRO A 643 30.50 22.54 -36.62
N THR A 644 30.83 21.77 -37.67
CA THR A 644 30.70 22.23 -39.04
C THR A 644 29.71 21.40 -39.84
N GLU A 645 29.03 20.44 -39.20
CA GLU A 645 28.04 19.61 -39.88
C GLU A 645 26.83 20.47 -40.24
N CYS A 646 26.41 20.39 -41.49
CA CYS A 646 25.43 21.32 -42.03
C CYS A 646 24.03 20.78 -41.79
N PHE A 647 23.15 21.63 -41.28
CA PHE A 647 21.76 21.24 -41.03
C PHE A 647 20.75 22.05 -41.80
N VAL A 648 21.04 23.31 -42.10
CA VAL A 648 20.22 24.12 -42.99
C VAL A 648 21.11 24.51 -44.16
N ARG A 649 21.09 23.70 -45.21
CA ARG A 649 21.71 24.09 -46.47
C ARG A 649 20.80 25.09 -47.16
N GLY A 650 21.41 26.09 -47.78
CA GLY A 650 20.66 27.26 -48.18
C GLY A 650 19.78 27.12 -49.40
N VAL A 651 18.80 26.22 -49.34
CA VAL A 651 17.56 26.34 -50.10
C VAL A 651 16.47 26.03 -49.10
N GLN A 652 16.87 25.49 -47.95
CA GLN A 652 16.00 25.20 -46.83
C GLN A 652 15.78 26.41 -45.93
N LEU A 653 16.16 27.61 -46.40
CA LEU A 653 15.84 28.84 -45.70
C LEU A 653 14.33 29.11 -45.69
N PHE A 654 13.61 28.57 -46.67
CA PHE A 654 12.18 28.80 -46.78
C PHE A 654 11.40 27.50 -46.67
N ASP A 655 11.75 26.67 -45.68
CA ASP A 655 11.07 25.38 -45.54
C ASP A 655 9.67 25.54 -44.97
N ASN A 656 9.54 26.09 -43.77
CA ASN A 656 8.25 26.30 -43.13
C ASN A 656 8.01 27.77 -42.84
N SER A 657 8.33 28.62 -43.80
CA SER A 657 8.06 30.04 -43.71
C SER A 657 6.59 30.31 -44.01
N PRO A 658 6.01 31.37 -43.45
CA PRO A 658 4.61 31.72 -43.76
C PRO A 658 4.44 32.37 -45.12
N LEU A 659 4.81 31.64 -46.17
CA LEU A 659 4.62 32.08 -47.55
C LEU A 659 3.85 31.06 -48.39
N GLY A 660 3.56 29.89 -47.85
CA GLY A 660 2.98 28.81 -48.61
C GLY A 660 4.02 27.75 -48.95
N GLU A 661 3.63 26.88 -49.88
CA GLU A 661 4.56 25.92 -50.45
C GLU A 661 5.04 26.47 -51.79
N LEU A 662 6.34 26.37 -52.03
CA LEU A 662 6.97 27.06 -53.14
C LEU A 662 7.74 26.07 -54.01
N THR A 663 7.78 26.37 -55.31
CA THR A 663 8.53 25.53 -56.24
C THR A 663 10.03 25.69 -56.01
N TYR A 664 10.79 24.70 -56.49
CA TYR A 664 12.23 24.67 -56.26
C TYR A 664 12.94 25.78 -57.02
N GLY A 665 12.54 26.03 -58.27
CA GLY A 665 13.19 27.06 -59.05
C GLY A 665 12.90 28.47 -58.56
N MET A 666 11.74 28.67 -57.94
CA MET A 666 11.40 29.99 -57.43
C MET A 666 11.93 30.20 -56.02
N LYS A 667 12.28 29.12 -55.30
CA LYS A 667 13.07 29.28 -54.08
C LYS A 667 14.48 29.74 -54.40
N LEU A 668 15.02 29.34 -55.55
CA LEU A 668 16.29 29.90 -56.01
C LEU A 668 16.15 31.34 -56.49
N ARG A 669 14.95 31.76 -56.89
CA ARG A 669 14.71 33.17 -57.18
C ARG A 669 14.80 34.01 -55.91
N LEU A 670 14.32 33.47 -54.78
CA LEU A 670 14.40 34.19 -53.53
C LEU A 670 15.81 34.18 -52.96
N LEU A 671 16.60 33.14 -53.24
CA LEU A 671 17.98 33.08 -52.77
C LEU A 671 18.82 34.18 -53.40
N ASP A 672 18.61 34.43 -54.70
CA ASP A 672 19.26 35.56 -55.35
C ASP A 672 18.74 36.88 -54.82
N SER A 673 17.43 36.95 -54.50
CA SER A 673 16.82 38.20 -54.09
C SER A 673 17.20 38.58 -52.66
N VAL A 674 17.30 37.61 -51.75
CA VAL A 674 17.76 37.94 -50.40
C VAL A 674 19.27 38.10 -50.34
N SER A 675 19.99 37.71 -51.40
CA SER A 675 21.41 38.05 -51.48
C SER A 675 21.62 39.52 -51.82
N ARG A 676 20.63 40.15 -52.45
CA ARG A 676 20.76 41.55 -52.86
C ARG A 676 20.72 42.50 -51.69
N SER A 677 20.02 42.13 -50.61
CA SER A 677 19.67 43.07 -49.56
C SER A 677 20.52 42.95 -48.30
N ILE A 678 21.24 41.85 -48.11
CA ILE A 678 22.02 41.64 -46.90
C ILE A 678 23.52 41.70 -47.15
N GLY A 679 23.96 41.66 -48.40
CA GLY A 679 25.37 41.63 -48.74
C GLY A 679 25.96 40.24 -48.84
N MET A 680 25.57 39.35 -47.94
CA MET A 680 26.10 37.98 -47.95
C MET A 680 25.48 37.18 -49.08
N ARG A 681 26.33 36.47 -49.82
CA ARG A 681 25.88 35.65 -50.94
C ARG A 681 25.46 34.28 -50.42
N ILE A 682 24.17 33.98 -50.56
CA ILE A 682 23.63 32.68 -50.19
C ILE A 682 23.27 31.96 -51.48
N SER A 683 24.10 30.98 -51.85
CA SER A 683 23.82 30.14 -53.00
C SER A 683 22.94 28.98 -52.56
N SER A 684 22.73 28.01 -53.45
CA SER A 684 21.92 26.85 -53.10
C SER A 684 22.66 25.86 -52.21
N SER A 685 23.99 25.99 -52.09
CA SER A 685 24.78 25.11 -51.24
C SER A 685 25.47 25.85 -50.10
N THR A 686 25.02 27.07 -49.79
CA THR A 686 25.58 27.82 -48.67
C THR A 686 24.97 27.33 -47.37
N CYS A 687 25.81 26.91 -46.44
CA CYS A 687 25.32 26.43 -45.15
C CYS A 687 24.89 27.62 -44.30
N LEU A 688 23.66 27.55 -43.78
CA LEU A 688 23.12 28.63 -42.98
C LEU A 688 23.08 28.31 -41.50
N THR A 689 23.17 27.04 -41.12
CA THR A 689 23.13 26.64 -39.72
C THR A 689 23.95 25.39 -39.56
N THR A 690 25.01 25.47 -38.75
CA THR A 690 25.84 24.33 -38.43
C THR A 690 25.38 23.71 -37.12
N GLY A 691 26.04 22.63 -36.72
CA GLY A 691 25.75 22.01 -35.45
C GLY A 691 26.09 22.88 -34.26
N ALA A 692 27.09 23.76 -34.41
CA ALA A 692 27.39 24.73 -33.38
C ALA A 692 26.33 25.82 -33.32
N ASP A 693 25.68 26.13 -34.44
CA ASP A 693 24.63 27.13 -34.43
C ASP A 693 23.36 26.64 -33.76
N VAL A 694 23.07 25.34 -33.86
CA VAL A 694 21.91 24.77 -33.18
C VAL A 694 22.09 24.85 -31.67
N LEU A 695 23.30 24.58 -31.18
CA LEU A 695 23.55 24.62 -29.75
C LEU A 695 23.56 26.05 -29.21
N LYS A 696 23.90 27.03 -30.05
CA LYS A 696 23.79 28.42 -29.63
C LYS A 696 22.35 28.90 -29.58
N GLN A 697 21.49 28.43 -30.50
CA GLN A 697 20.10 28.87 -30.49
C GLN A 697 19.32 28.25 -29.34
N GLN A 698 19.63 27.00 -29.00
CA GLN A 698 19.01 26.35 -27.85
C GLN A 698 19.57 26.82 -26.53
N GLY A 699 20.70 27.53 -26.54
CA GLY A 699 21.31 27.99 -25.30
C GLY A 699 22.18 26.98 -24.62
N VAL A 700 22.57 25.91 -25.31
CA VAL A 700 23.40 24.86 -24.71
C VAL A 700 24.84 25.28 -24.97
N THR A 701 25.34 26.17 -24.10
CA THR A 701 26.66 26.78 -24.27
C THR A 701 27.49 26.85 -23.00
N GLN A 702 26.92 26.65 -21.82
CA GLN A 702 27.65 26.93 -20.59
C GLN A 702 28.62 25.82 -20.24
N LEU A 703 28.16 24.59 -20.18
CA LEU A 703 28.96 23.47 -19.72
C LEU A 703 29.30 22.53 -20.86
N SER A 704 30.36 21.77 -20.66
CA SER A 704 30.67 20.64 -21.52
C SER A 704 29.70 19.51 -21.27
N LYS A 705 29.66 18.54 -22.19
CA LYS A 705 28.78 17.39 -21.99
C LYS A 705 29.28 16.47 -20.90
N TRP A 706 30.58 16.50 -20.60
CA TRP A 706 31.13 15.71 -19.51
C TRP A 706 30.83 16.35 -18.16
N ASN A 707 30.83 17.69 -18.10
CA ASN A 707 30.44 18.37 -16.88
C ASN A 707 28.94 18.30 -16.67
N CYS A 708 28.17 18.25 -17.75
CA CYS A 708 26.73 18.04 -17.66
C CYS A 708 26.42 16.63 -17.16
N LEU A 709 27.22 15.65 -17.58
CA LEU A 709 27.07 14.29 -17.06
C LEU A 709 27.46 14.22 -15.58
N LEU A 710 28.48 14.97 -15.18
CA LEU A 710 28.96 14.95 -13.81
C LEU A 710 27.95 15.56 -12.85
N ILE A 711 27.26 16.62 -13.28
CA ILE A 711 26.23 17.25 -12.48
C ILE A 711 25.03 16.33 -12.30
N THR A 712 24.70 15.57 -13.35
CA THR A 712 23.60 14.62 -13.28
C THR A 712 23.90 13.48 -12.32
N VAL A 713 25.16 13.01 -12.31
CA VAL A 713 25.58 12.02 -11.34
C VAL A 713 25.61 12.61 -9.94
N GLY A 714 26.03 13.88 -9.82
CA GLY A 714 26.12 14.52 -8.52
C GLY A 714 24.77 14.84 -7.90
N PHE A 715 23.75 15.13 -8.72
CA PHE A 715 22.40 15.27 -8.20
C PHE A 715 21.88 13.96 -7.64
N GLY A 716 22.24 12.84 -8.25
CA GLY A 716 21.85 11.56 -7.71
C GLY A 716 22.49 11.26 -6.37
N PHE A 717 23.74 11.67 -6.19
CA PHE A 717 24.38 11.45 -4.90
C PHE A 717 23.86 12.40 -3.84
N LEU A 718 23.47 13.62 -4.24
CA LEU A 718 22.92 14.59 -3.30
C LEU A 718 21.59 14.13 -2.74
N PHE A 719 20.73 13.55 -3.56
CA PHE A 719 19.41 13.15 -3.11
C PHE A 719 19.43 11.85 -2.29
N ARG A 720 20.44 10.99 -2.47
CA ARG A 720 20.58 9.85 -1.59
C ARG A 720 21.01 10.27 -0.19
N ILE A 721 21.88 11.29 -0.12
CA ILE A 721 22.30 11.84 1.16
C ILE A 721 21.13 12.54 1.85
N LEU A 722 20.30 13.24 1.08
CA LEU A 722 19.14 13.91 1.65
C LEU A 722 18.08 12.92 2.10
N PHE A 723 17.93 11.82 1.37
CA PHE A 723 17.05 10.74 1.81
C PHE A 723 17.55 10.09 3.09
N TYR A 724 18.88 9.97 3.23
CA TYR A 724 19.45 9.44 4.46
C TYR A 724 19.27 10.41 5.63
N LEU A 725 19.39 11.72 5.37
CA LEU A 725 19.17 12.71 6.41
C LEU A 725 17.70 12.76 6.83
N CYS A 726 16.78 12.46 5.92
CA CYS A 726 15.38 12.37 6.30
C CYS A 726 15.08 11.11 7.09
N LEU A 727 15.85 10.04 6.87
CA LEU A 727 15.73 8.86 7.71
C LEU A 727 16.38 9.05 9.07
N LEU A 728 17.25 10.05 9.20
CA LEU A 728 17.83 10.37 10.51
C LEU A 728 16.87 11.21 11.35
N LEU A 729 16.12 12.11 10.71
CA LEU A 729 15.26 13.03 11.44
C LEU A 729 13.85 12.46 11.64
N GLY A 730 13.34 11.73 10.67
CA GLY A 730 12.00 11.19 10.72
C GLY A 730 12.02 9.68 10.60
N SER A 731 10.90 9.16 10.11
CA SER A 731 10.64 7.72 9.94
C SER A 731 10.87 6.93 11.22
N LYS A 732 10.30 7.44 12.31
CA LYS A 732 10.10 6.67 13.52
C LYS A 732 8.60 6.53 13.71
N ASN A 733 8.18 5.45 14.32
CA ASN A 733 6.75 5.19 14.53
C ASN A 733 6.51 5.23 16.04
N LYS A 734 6.30 6.42 16.57
CA LYS A 734 6.19 6.60 18.00
C LYS A 734 4.74 6.70 18.44
N ARG A 735 4.51 6.29 19.69
CA ARG A 735 3.20 6.17 20.34
C ARG A 735 2.24 5.24 19.62
N ARG B 67 -39.59 -23.80 16.35
CA ARG B 67 -40.21 -22.59 15.80
C ARG B 67 -39.34 -21.80 14.78
N PRO B 68 -38.01 -21.73 14.92
CA PRO B 68 -37.20 -21.31 13.77
C PRO B 68 -37.25 -22.36 12.66
N VAL B 69 -37.01 -21.88 11.44
CA VAL B 69 -37.00 -22.76 10.26
C VAL B 69 -35.78 -23.68 10.34
N PRO B 70 -35.95 -25.00 10.23
CA PRO B 70 -34.81 -25.91 10.32
C PRO B 70 -33.91 -25.81 9.09
N PHE B 71 -32.60 -25.76 9.33
CA PHE B 71 -31.60 -25.82 8.29
C PHE B 71 -30.56 -26.86 8.69
N VAL B 72 -30.11 -27.66 7.72
CA VAL B 72 -29.08 -28.67 7.95
C VAL B 72 -28.01 -28.45 6.90
N LEU B 73 -26.88 -27.89 7.29
CA LEU B 73 -25.75 -27.74 6.39
C LEU B 73 -24.89 -28.99 6.51
N SER B 74 -24.71 -29.68 5.40
CA SER B 74 -23.94 -30.92 5.35
C SER B 74 -22.80 -30.75 4.36
N PHE B 75 -21.62 -31.22 4.73
CA PHE B 75 -20.50 -31.25 3.82
C PHE B 75 -19.87 -32.64 3.87
N ASN B 76 -19.48 -33.15 2.71
CA ASN B 76 -19.03 -34.52 2.58
C ASN B 76 -17.81 -34.57 1.68
N ASN B 77 -16.78 -35.29 2.14
CA ASN B 77 -15.60 -35.67 1.34
C ASN B 77 -14.84 -34.46 0.81
N LEU B 78 -14.70 -33.43 1.64
CA LEU B 78 -14.02 -32.21 1.22
C LEU B 78 -12.52 -32.46 1.09
N THR B 79 -11.99 -32.26 -0.11
CA THR B 79 -10.59 -32.51 -0.42
C THR B 79 -10.04 -31.31 -1.17
N TYR B 80 -8.91 -30.79 -0.70
CA TYR B 80 -8.30 -29.63 -1.31
C TYR B 80 -6.79 -29.84 -1.40
N ASN B 81 -6.23 -29.58 -2.57
CA ASN B 81 -4.81 -29.75 -2.85
C ASN B 81 -4.25 -28.45 -3.39
N VAL B 82 -3.04 -28.11 -2.98
CA VAL B 82 -2.31 -26.98 -3.54
C VAL B 82 -1.03 -27.49 -4.17
N SER B 83 -0.51 -26.72 -5.11
CA SER B 83 0.73 -27.05 -5.80
C SER B 83 1.89 -26.31 -5.14
N VAL B 84 2.90 -27.05 -4.71
CA VAL B 84 4.08 -26.45 -4.11
C VAL B 84 4.91 -25.78 -5.20
N ARG B 85 5.04 -24.46 -5.12
CA ARG B 85 5.77 -23.71 -6.13
C ARG B 85 6.83 -22.82 -5.51
N SER B 102 7.59 -28.55 -8.32
CA SER B 102 6.15 -28.64 -8.60
C SER B 102 5.55 -29.94 -8.08
N LYS B 103 5.29 -29.99 -6.77
CA LYS B 103 4.62 -31.11 -6.13
C LYS B 103 3.31 -30.62 -5.53
N THR B 104 2.55 -31.56 -4.98
CA THR B 104 1.20 -31.29 -4.50
C THR B 104 1.09 -31.57 -3.01
N LYS B 105 0.37 -30.69 -2.31
CA LYS B 105 0.17 -30.81 -0.87
C LYS B 105 -1.31 -30.81 -0.58
N THR B 106 -1.75 -31.81 0.17
CA THR B 106 -3.16 -31.96 0.51
C THR B 106 -3.48 -31.14 1.76
N LEU B 107 -4.26 -30.07 1.59
CA LEU B 107 -4.62 -29.23 2.73
C LEU B 107 -5.86 -29.73 3.45
N LEU B 108 -6.85 -30.24 2.72
CA LEU B 108 -8.02 -30.87 3.30
C LEU B 108 -8.12 -32.29 2.74
N ASP B 109 -8.39 -33.25 3.60
CA ASP B 109 -8.38 -34.66 3.21
C ASP B 109 -9.65 -35.34 3.69
N ASN B 110 -10.67 -35.41 2.80
CA ASN B 110 -11.87 -36.23 2.96
C ASN B 110 -12.68 -35.82 4.19
N ILE B 111 -12.87 -34.53 4.37
CA ILE B 111 -13.49 -34.00 5.57
C ILE B 111 -15.00 -33.95 5.38
N SER B 112 -15.73 -34.65 6.24
CA SER B 112 -17.18 -34.64 6.24
C SER B 112 -17.68 -34.15 7.59
N GLY B 113 -18.94 -33.73 7.61
CA GLY B 113 -19.56 -33.29 8.83
C GLY B 113 -20.84 -32.55 8.53
N GLU B 114 -21.59 -32.28 9.59
CA GLU B 114 -22.87 -31.59 9.43
C GLU B 114 -23.18 -30.81 10.69
N THR B 115 -24.05 -29.82 10.54
CA THR B 115 -24.48 -28.98 11.65
C THR B 115 -25.87 -28.45 11.31
N ARG B 116 -26.64 -28.16 12.36
CA ARG B 116 -28.00 -27.69 12.20
C ARG B 116 -28.14 -26.28 12.75
N ASP B 117 -29.26 -25.65 12.44
CA ASP B 117 -29.59 -24.37 13.06
C ASP B 117 -29.90 -24.57 14.53
N GLY B 118 -29.60 -23.55 15.33
CA GLY B 118 -29.69 -23.67 16.77
C GLY B 118 -28.42 -24.13 17.45
N GLU B 119 -27.41 -24.54 16.67
CA GLU B 119 -26.20 -25.12 17.22
C GLU B 119 -24.98 -24.35 16.74
N ILE B 120 -23.91 -24.42 17.52
CA ILE B 120 -22.61 -23.91 17.13
C ILE B 120 -21.71 -25.10 16.84
N LEU B 121 -21.21 -25.18 15.62
CA LEU B 121 -20.16 -26.14 15.28
C LEU B 121 -18.81 -25.46 15.47
N ALA B 122 -18.00 -26.00 16.37
CA ALA B 122 -16.68 -25.46 16.62
C ALA B 122 -15.64 -26.33 15.93
N VAL B 123 -14.71 -25.69 15.23
CA VAL B 123 -13.60 -26.38 14.58
C VAL B 123 -12.36 -26.18 15.42
N LEU B 124 -11.75 -27.26 15.85
CA LEU B 124 -10.55 -27.19 16.67
C LEU B 124 -9.41 -27.91 15.98
N GLY B 125 -8.22 -27.73 16.52
CA GLY B 125 -7.03 -28.33 15.96
C GLY B 125 -5.84 -27.43 16.19
N ALA B 126 -4.67 -27.98 15.92
CA ALA B 126 -3.44 -27.23 16.10
C ALA B 126 -3.31 -26.14 15.03
N SER B 127 -2.41 -25.20 15.28
CA SER B 127 -2.09 -24.19 14.29
C SER B 127 -1.47 -24.82 13.04
N GLY B 128 -2.05 -24.52 11.89
CA GLY B 128 -1.66 -25.14 10.65
C GLY B 128 -2.35 -26.45 10.33
N SER B 129 -3.43 -26.80 11.02
CA SER B 129 -4.12 -28.05 10.74
C SER B 129 -5.17 -27.92 9.64
N GLY B 130 -5.54 -26.72 9.24
CA GLY B 130 -6.51 -26.51 8.19
C GLY B 130 -7.83 -25.94 8.60
N LYS B 131 -7.91 -25.28 9.77
CA LYS B 131 -9.18 -24.72 10.23
C LYS B 131 -9.61 -23.53 9.38
N SER B 132 -8.67 -22.69 8.97
CA SER B 132 -9.02 -21.62 8.05
C SER B 132 -9.34 -22.15 6.66
N THR B 133 -8.69 -23.25 6.26
CA THR B 133 -8.95 -23.83 4.95
C THR B 133 -10.30 -24.53 4.92
N LEU B 134 -10.70 -25.18 6.01
CA LEU B 134 -11.99 -25.83 6.06
C LEU B 134 -13.12 -24.81 6.03
N ILE B 135 -12.94 -23.67 6.70
CA ILE B 135 -13.95 -22.64 6.66
C ILE B 135 -13.94 -21.91 5.32
N ASP B 136 -12.76 -21.77 4.69
CA ASP B 136 -12.69 -21.21 3.33
C ASP B 136 -13.37 -22.11 2.31
N ALA B 137 -13.33 -23.43 2.52
CA ALA B 137 -14.04 -24.35 1.63
C ALA B 137 -15.54 -24.19 1.74
N LEU B 138 -16.06 -24.07 2.97
CA LEU B 138 -17.50 -23.96 3.19
C LEU B 138 -18.04 -22.58 2.84
N ALA B 139 -17.22 -21.54 2.88
CA ALA B 139 -17.66 -20.17 2.68
C ALA B 139 -17.50 -19.72 1.24
N ASN B 140 -17.32 -20.65 0.30
CA ASN B 140 -17.16 -20.40 -1.14
C ASN B 140 -16.00 -19.44 -1.40
N ARG B 141 -14.86 -19.77 -0.82
CA ARG B 141 -13.73 -18.88 -0.82
C ARG B 141 -12.53 -19.48 -1.55
N ILE B 142 -12.51 -20.78 -1.75
CA ILE B 142 -11.52 -21.41 -2.60
C ILE B 142 -12.18 -21.72 -3.94
N ALA B 143 -11.37 -21.67 -5.00
CA ALA B 143 -11.85 -21.61 -6.37
C ALA B 143 -12.50 -22.93 -6.80
N LYS B 144 -13.46 -22.81 -7.72
CA LYS B 144 -14.20 -23.97 -8.18
C LYS B 144 -13.34 -24.80 -9.13
N GLY B 145 -13.36 -26.12 -8.92
CA GLY B 145 -12.42 -27.01 -9.52
C GLY B 145 -11.28 -27.39 -8.60
N SER B 146 -10.86 -26.48 -7.73
CA SER B 146 -9.84 -26.79 -6.75
C SER B 146 -10.39 -27.60 -5.59
N LEU B 147 -11.63 -27.34 -5.18
CA LEU B 147 -12.27 -28.04 -4.07
C LEU B 147 -13.09 -29.21 -4.58
N LYS B 148 -12.89 -30.37 -3.98
CA LYS B 148 -13.69 -31.55 -4.23
C LYS B 148 -14.62 -31.78 -3.05
N GLY B 149 -15.66 -32.57 -3.29
CA GLY B 149 -16.69 -32.81 -2.29
C GLY B 149 -17.89 -31.91 -2.47
N THR B 150 -18.92 -32.18 -1.70
CA THR B 150 -20.22 -31.53 -1.85
C THR B 150 -20.65 -30.88 -0.54
N VAL B 151 -21.16 -29.65 -0.65
CA VAL B 151 -21.75 -28.93 0.47
C VAL B 151 -23.23 -28.72 0.16
N THR B 152 -24.11 -29.20 1.03
CA THR B 152 -25.54 -29.09 0.81
C THR B 152 -26.19 -28.32 1.94
N LEU B 153 -27.42 -27.89 1.69
CA LEU B 153 -28.26 -27.22 2.68
C LEU B 153 -29.68 -27.75 2.50
N ASN B 154 -30.19 -28.40 3.56
CA ASN B 154 -31.47 -29.12 3.55
C ASN B 154 -31.52 -30.18 2.46
N GLY B 155 -30.38 -30.83 2.21
CA GLY B 155 -30.29 -31.89 1.22
C GLY B 155 -29.99 -31.43 -0.20
N GLU B 156 -30.11 -30.14 -0.48
CA GLU B 156 -29.92 -29.61 -1.82
C GLU B 156 -28.63 -28.83 -1.86
N ALA B 157 -27.98 -28.82 -3.02
CA ALA B 157 -26.62 -28.31 -3.15
C ALA B 157 -26.55 -26.82 -2.90
N LEU B 158 -25.67 -26.42 -1.99
CA LEU B 158 -25.53 -25.04 -1.56
C LEU B 158 -24.83 -24.27 -2.67
N GLN B 159 -25.62 -23.55 -3.46
CA GLN B 159 -25.10 -22.80 -4.59
C GLN B 159 -24.26 -21.62 -4.12
N SER B 160 -23.30 -21.24 -4.97
CA SER B 160 -22.49 -20.06 -4.69
C SER B 160 -23.31 -18.79 -4.75
N ARG B 161 -24.37 -18.77 -5.56
CA ARG B 161 -25.23 -17.61 -5.67
C ARG B 161 -26.09 -17.44 -4.43
N MET B 162 -26.49 -18.54 -3.81
CA MET B 162 -27.33 -18.49 -2.62
C MET B 162 -26.52 -18.20 -1.37
N LEU B 163 -25.28 -18.66 -1.32
CA LEU B 163 -24.43 -18.46 -0.14
C LEU B 163 -24.03 -17.00 0.05
N LYS B 164 -23.90 -16.24 -1.04
CA LYS B 164 -23.62 -14.81 -0.90
C LYS B 164 -24.81 -14.05 -0.30
N VAL B 165 -26.01 -14.57 -0.46
CA VAL B 165 -27.19 -13.89 0.04
C VAL B 165 -27.42 -14.18 1.52
N ILE B 166 -27.18 -15.42 1.95
CA ILE B 166 -27.61 -15.86 3.27
C ILE B 166 -26.47 -15.98 4.27
N SER B 167 -25.22 -15.81 3.87
CA SER B 167 -24.13 -16.06 4.80
C SER B 167 -23.23 -14.83 4.97
N ALA B 168 -22.42 -14.89 6.02
CA ALA B 168 -21.42 -13.88 6.32
C ALA B 168 -20.18 -14.58 6.87
N TYR B 169 -19.04 -13.90 6.75
CA TYR B 169 -17.74 -14.49 7.06
C TYR B 169 -16.88 -13.48 7.80
N VAL B 170 -16.53 -13.81 9.05
CA VAL B 170 -15.53 -13.08 9.83
C VAL B 170 -14.21 -13.83 9.70
N MET B 171 -13.25 -13.25 8.99
CA MET B 171 -11.98 -13.89 8.74
C MET B 171 -11.06 -13.82 9.96
N GLN B 172 -10.02 -14.57 9.87
CA GLN B 172 -8.97 -14.55 10.87
C GLN B 172 -8.21 -13.19 11.06
N ASP B 173 -7.93 -12.52 10.03
CA ASP B 173 -7.50 -11.17 10.05
C ASP B 173 -8.45 -10.16 9.82
N ASP B 174 -8.33 -9.08 10.50
CA ASP B 174 -9.19 -7.91 10.41
C ASP B 174 -8.79 -7.07 9.21
N LEU B 175 -9.77 -6.52 8.51
CA LEU B 175 -9.52 -5.64 7.38
C LEU B 175 -10.56 -4.53 7.36
N LEU B 176 -10.24 -3.42 8.00
CA LEU B 176 -11.16 -2.30 8.16
C LEU B 176 -10.53 -1.04 7.62
N PHE B 177 -11.37 -0.06 7.33
CA PHE B 177 -10.90 1.28 6.99
C PHE B 177 -10.31 1.93 8.23
N PRO B 178 -9.04 2.36 8.22
CA PRO B 178 -8.39 2.76 9.47
C PRO B 178 -8.87 4.09 10.04
N MET B 179 -9.33 5.02 9.21
CA MET B 179 -9.65 6.36 9.67
C MET B 179 -11.09 6.51 10.14
N LEU B 180 -11.91 5.49 10.02
CA LEU B 180 -13.26 5.53 10.56
C LEU B 180 -13.23 5.13 12.02
N THR B 181 -14.18 5.66 12.79
CA THR B 181 -14.28 5.23 14.17
C THR B 181 -15.02 3.90 14.26
N VAL B 182 -15.21 3.40 15.49
CA VAL B 182 -15.83 2.10 15.69
C VAL B 182 -17.32 2.18 15.38
N GLU B 183 -18.00 3.22 15.88
CA GLU B 183 -19.42 3.34 15.63
C GLU B 183 -19.73 3.85 14.22
N GLU B 184 -18.80 4.53 13.56
CA GLU B 184 -19.00 4.87 12.16
C GLU B 184 -18.88 3.64 11.28
N THR B 185 -17.96 2.74 11.63
CA THR B 185 -17.76 1.50 10.88
C THR B 185 -18.97 0.59 10.98
N LEU B 186 -19.51 0.42 12.18
CA LEU B 186 -20.68 -0.42 12.37
C LEU B 186 -21.94 0.23 11.81
N MET B 187 -21.97 1.56 11.70
CA MET B 187 -23.12 2.22 11.08
C MET B 187 -23.12 2.10 9.57
N PHE B 188 -21.94 2.07 8.95
CA PHE B 188 -21.89 1.84 7.51
C PHE B 188 -22.31 0.42 7.17
N ALA B 189 -21.90 -0.56 7.99
CA ALA B 189 -22.31 -1.94 7.76
C ALA B 189 -23.78 -2.15 8.06
N ALA B 190 -24.36 -1.38 8.98
CA ALA B 190 -25.78 -1.44 9.20
C ALA B 190 -26.54 -0.83 8.03
N GLU B 191 -26.01 0.24 7.45
CA GLU B 191 -26.64 0.84 6.29
C GLU B 191 -26.47 0.00 5.03
N PHE B 192 -25.47 -0.87 4.98
CA PHE B 192 -25.31 -1.77 3.84
C PHE B 192 -26.21 -2.98 3.93
N ARG B 193 -26.41 -3.50 5.14
CA ARG B 193 -27.02 -4.81 5.33
C ARG B 193 -28.44 -4.77 5.83
N LEU B 194 -28.92 -3.62 6.31
CA LEU B 194 -30.30 -3.57 6.77
C LEU B 194 -31.18 -2.84 5.76
N PRO B 195 -32.41 -3.27 5.54
CA PRO B 195 -33.21 -2.72 4.43
C PRO B 195 -33.86 -1.39 4.80
N ARG B 196 -34.51 -0.79 3.80
CA ARG B 196 -35.18 0.50 3.95
C ARG B 196 -36.41 0.42 4.84
N SER B 197 -37.00 -0.76 5.01
CA SER B 197 -38.15 -0.92 5.89
C SER B 197 -37.78 -0.70 7.35
N LEU B 198 -36.51 -0.85 7.70
CA LEU B 198 -36.01 -0.45 9.01
C LEU B 198 -35.61 1.01 8.95
N PRO B 199 -36.16 1.89 9.79
CA PRO B 199 -35.79 3.30 9.75
C PRO B 199 -34.37 3.54 10.24
N LYS B 200 -33.90 4.77 10.00
CA LYS B 200 -32.54 5.14 10.37
C LYS B 200 -32.36 5.25 11.87
N SER B 201 -33.44 5.60 12.59
CA SER B 201 -33.37 5.64 14.05
C SER B 201 -33.24 4.24 14.62
N LYS B 202 -33.87 3.25 14.00
CA LYS B 202 -33.79 1.88 14.47
C LYS B 202 -32.55 1.17 13.94
N LYS B 203 -31.91 1.71 12.91
CA LYS B 203 -30.59 1.20 12.53
C LYS B 203 -29.53 1.67 13.52
N LYS B 204 -29.65 2.91 13.99
CA LYS B 204 -28.75 3.42 15.01
C LYS B 204 -28.95 2.73 16.36
N LEU B 205 -30.18 2.32 16.69
CA LEU B 205 -30.39 1.59 17.92
C LEU B 205 -29.81 0.19 17.86
N ARG B 206 -29.68 -0.38 16.66
CA ARG B 206 -29.09 -1.71 16.53
C ARG B 206 -27.57 -1.65 16.57
N VAL B 207 -26.97 -0.53 16.18
CA VAL B 207 -25.54 -0.34 16.30
C VAL B 207 -25.16 -0.07 17.75
N GLN B 208 -25.96 0.74 18.45
CA GLN B 208 -25.71 1.02 19.86
C GLN B 208 -25.88 -0.22 20.72
N ALA B 209 -26.84 -1.07 20.38
CA ALA B 209 -27.03 -2.30 21.13
C ALA B 209 -25.95 -3.32 20.82
N LEU B 210 -25.42 -3.30 19.60
CA LEU B 210 -24.32 -4.20 19.24
C LEU B 210 -23.02 -3.77 19.90
N ILE B 211 -22.81 -2.47 20.08
CA ILE B 211 -21.63 -1.97 20.76
C ILE B 211 -21.66 -2.36 22.24
N ASP B 212 -22.84 -2.34 22.84
CA ASP B 212 -22.96 -2.64 24.26
C ASP B 212 -22.77 -4.13 24.54
N GLN B 213 -23.33 -5.00 23.69
CA GLN B 213 -23.25 -6.42 23.99
C GLN B 213 -21.97 -7.06 23.47
N LEU B 214 -21.26 -6.41 22.55
CA LEU B 214 -19.90 -6.83 22.24
C LEU B 214 -18.88 -6.26 23.20
N GLY B 215 -19.25 -5.24 23.97
CA GLY B 215 -18.39 -4.69 24.99
C GLY B 215 -17.33 -3.74 24.49
N ILE B 216 -17.68 -2.86 23.55
CA ILE B 216 -16.71 -1.94 22.98
C ILE B 216 -17.21 -0.51 23.09
N ARG B 217 -17.97 -0.22 24.16
CA ARG B 217 -18.48 1.13 24.40
C ARG B 217 -17.36 2.13 24.59
N ASN B 218 -16.29 1.75 25.26
CA ASN B 218 -15.18 2.66 25.52
C ASN B 218 -14.40 3.00 24.27
N ALA B 219 -14.45 2.15 23.24
CA ALA B 219 -13.72 2.38 22.00
C ALA B 219 -14.60 2.94 20.90
N ALA B 220 -15.84 3.31 21.19
CA ALA B 220 -16.84 3.60 20.17
C ALA B 220 -16.51 4.84 19.33
N LYS B 221 -15.88 5.84 19.93
CA LYS B 221 -15.52 7.05 19.22
C LYS B 221 -14.04 7.10 18.86
N THR B 222 -13.37 5.96 18.91
CA THR B 222 -11.96 5.86 18.57
C THR B 222 -11.81 5.25 17.18
N ILE B 223 -10.87 5.77 16.40
CA ILE B 223 -10.62 5.23 15.06
C ILE B 223 -10.07 3.81 15.15
N ILE B 224 -10.19 3.09 14.03
CA ILE B 224 -9.63 1.74 13.96
C ILE B 224 -8.12 1.80 13.97
N GLY B 225 -7.55 2.67 13.16
CA GLY B 225 -6.12 2.83 13.09
C GLY B 225 -5.44 1.78 12.24
N ASP B 226 -4.14 1.97 12.09
CA ASP B 226 -3.28 1.02 11.40
C ASP B 226 -1.91 1.09 12.05
N GLU B 227 -0.88 0.60 11.34
CA GLU B 227 0.48 0.58 11.87
C GLU B 227 1.02 1.99 12.13
N GLY B 228 0.61 2.97 11.32
CA GLY B 228 1.09 4.33 11.48
C GLY B 228 0.25 5.22 12.36
N HIS B 229 -1.02 4.85 12.59
CA HIS B 229 -1.95 5.69 13.34
C HIS B 229 -2.58 4.85 14.44
N ARG B 230 -2.36 5.23 15.70
CA ARG B 230 -2.87 4.44 16.81
C ARG B 230 -4.35 4.71 17.02
N GLY B 231 -5.16 3.66 16.94
CA GLY B 231 -6.56 3.74 17.27
C GLY B 231 -6.95 2.81 18.39
N ILE B 232 -7.78 1.82 18.07
CA ILE B 232 -8.28 0.86 19.04
C ILE B 232 -7.30 -0.28 19.24
N SER B 233 -7.51 -1.04 20.31
CA SER B 233 -6.66 -2.19 20.61
C SER B 233 -6.97 -3.35 19.67
N GLY B 234 -6.14 -4.39 19.75
CA GLY B 234 -6.30 -5.52 18.84
C GLY B 234 -7.54 -6.34 19.13
N GLY B 235 -7.85 -6.54 20.40
CA GLY B 235 -9.08 -7.23 20.73
C GLY B 235 -10.31 -6.41 20.48
N GLU B 236 -10.19 -5.09 20.51
CA GLU B 236 -11.31 -4.23 20.13
C GLU B 236 -11.55 -4.27 18.63
N ARG B 237 -10.49 -4.34 17.84
CA ARG B 237 -10.61 -4.45 16.38
C ARG B 237 -11.22 -5.78 15.98
N ARG B 238 -10.95 -6.83 16.77
CA ARG B 238 -11.54 -8.15 16.54
C ARG B 238 -13.05 -8.13 16.62
N ARG B 239 -13.60 -7.51 17.68
CA ARG B 239 -15.04 -7.49 17.86
C ARG B 239 -15.73 -6.49 16.94
N VAL B 240 -15.00 -5.55 16.37
CA VAL B 240 -15.58 -4.72 15.31
C VAL B 240 -15.82 -5.58 14.08
N SER B 241 -14.86 -6.45 13.73
CA SER B 241 -15.00 -7.36 12.60
C SER B 241 -16.11 -8.37 12.81
N ILE B 242 -16.35 -8.80 14.05
CA ILE B 242 -17.50 -9.64 14.34
C ILE B 242 -18.79 -8.85 14.18
N GLY B 243 -18.80 -7.60 14.66
CA GLY B 243 -19.98 -6.77 14.57
C GLY B 243 -20.36 -6.35 13.16
N ILE B 244 -19.38 -6.31 12.24
CA ILE B 244 -19.67 -5.98 10.85
C ILE B 244 -20.56 -7.05 10.22
N ASP B 245 -20.36 -8.32 10.59
CA ASP B 245 -21.06 -9.42 9.95
C ASP B 245 -22.22 -9.98 10.79
N ILE B 246 -22.50 -9.43 11.96
CA ILE B 246 -23.64 -9.91 12.75
C ILE B 246 -24.67 -8.82 12.99
N ILE B 247 -24.57 -7.68 12.30
CA ILE B 247 -25.51 -6.59 12.52
C ILE B 247 -26.88 -6.93 11.93
N HIS B 248 -26.90 -7.55 10.75
CA HIS B 248 -28.04 -8.29 10.23
C HIS B 248 -27.97 -9.70 10.81
N ASP B 249 -29.00 -10.50 10.60
CA ASP B 249 -28.99 -11.88 11.12
C ASP B 249 -28.93 -12.85 9.95
N PRO B 250 -27.74 -13.28 9.54
CA PRO B 250 -27.65 -14.23 8.44
C PRO B 250 -28.01 -15.63 8.91
N ILE B 251 -28.34 -16.48 7.94
CA ILE B 251 -28.70 -17.85 8.26
C ILE B 251 -27.45 -18.69 8.54
N VAL B 252 -26.39 -18.50 7.76
CA VAL B 252 -25.13 -19.16 7.98
C VAL B 252 -24.12 -18.12 8.43
N LEU B 253 -23.30 -18.47 9.41
CA LEU B 253 -22.26 -17.58 9.90
C LEU B 253 -20.96 -18.36 10.05
N PHE B 254 -19.93 -17.92 9.34
CA PHE B 254 -18.59 -18.45 9.44
C PHE B 254 -17.73 -17.46 10.21
N LEU B 255 -17.10 -17.91 11.28
CA LEU B 255 -16.21 -17.06 12.07
C LEU B 255 -14.87 -17.75 12.20
N ASP B 256 -13.85 -17.21 11.56
CA ASP B 256 -12.50 -17.73 11.74
C ASP B 256 -11.89 -17.06 12.97
N GLU B 257 -11.72 -17.85 14.04
CA GLU B 257 -11.18 -17.52 15.36
C GLU B 257 -11.73 -16.22 15.94
N PRO B 258 -13.01 -16.15 16.31
CA PRO B 258 -13.55 -14.87 16.80
C PRO B 258 -13.07 -14.49 18.19
N THR B 259 -12.61 -15.43 19.01
CA THR B 259 -12.17 -15.13 20.36
C THR B 259 -10.65 -15.06 20.49
N SER B 260 -9.93 -14.94 19.38
CA SER B 260 -8.49 -14.75 19.43
C SER B 260 -8.15 -13.29 19.65
N GLY B 261 -7.19 -13.04 20.54
CA GLY B 261 -6.93 -11.69 20.98
C GLY B 261 -7.91 -11.18 22.01
N LEU B 262 -8.71 -12.05 22.60
CA LEU B 262 -9.72 -11.64 23.55
C LEU B 262 -9.41 -12.25 24.91
N ASP B 263 -9.66 -11.48 25.95
CA ASP B 263 -9.61 -11.97 27.31
C ASP B 263 -10.74 -12.97 27.57
N SER B 264 -10.62 -13.69 28.69
CA SER B 264 -11.50 -14.80 28.96
C SER B 264 -12.94 -14.37 29.24
N THR B 265 -13.14 -13.17 29.76
CA THR B 265 -14.51 -12.72 30.03
C THR B 265 -15.16 -12.06 28.83
N SER B 266 -14.38 -11.50 27.91
CA SER B 266 -14.97 -10.97 26.69
C SER B 266 -15.05 -12.02 25.59
N ALA B 267 -14.26 -13.08 25.67
CA ALA B 267 -14.48 -14.25 24.81
C ALA B 267 -15.79 -14.94 25.16
N PHE B 268 -16.10 -15.02 26.45
CA PHE B 268 -17.37 -15.59 26.89
C PHE B 268 -18.55 -14.73 26.47
N MET B 269 -18.37 -13.40 26.43
CA MET B 269 -19.43 -12.51 25.97
C MET B 269 -19.70 -12.67 24.49
N VAL B 270 -18.67 -12.95 23.69
CA VAL B 270 -18.84 -13.09 22.26
C VAL B 270 -19.55 -14.40 21.92
N VAL B 271 -19.15 -15.49 22.58
CA VAL B 271 -19.77 -16.80 22.32
C VAL B 271 -21.20 -16.84 22.85
N LYS B 272 -21.52 -16.06 23.89
CA LYS B 272 -22.91 -15.96 24.32
C LYS B 272 -23.74 -15.17 23.33
N VAL B 273 -23.14 -14.18 22.68
CA VAL B 273 -23.82 -13.45 21.60
C VAL B 273 -24.03 -14.37 20.40
N LEU B 274 -23.02 -15.16 20.05
CA LEU B 274 -23.13 -16.08 18.91
C LEU B 274 -24.10 -17.22 19.20
N LYS B 275 -24.26 -17.61 20.46
CA LYS B 275 -25.25 -18.62 20.81
C LYS B 275 -26.67 -18.07 20.72
N ARG B 276 -26.86 -16.78 21.02
CA ARG B 276 -28.18 -16.17 20.84
C ARG B 276 -28.57 -16.07 19.37
N ILE B 277 -27.61 -15.79 18.49
CA ILE B 277 -27.89 -15.77 17.05
C ILE B 277 -28.18 -17.18 16.55
N ALA B 278 -27.47 -18.17 17.07
CA ALA B 278 -27.70 -19.58 16.72
C ALA B 278 -29.12 -20.02 17.07
N GLU B 279 -29.53 -19.81 18.32
CA GLU B 279 -30.84 -20.27 18.78
C GLU B 279 -31.99 -19.43 18.24
N SER B 280 -31.73 -18.33 17.54
CA SER B 280 -32.77 -17.67 16.77
C SER B 280 -32.95 -18.26 15.38
N GLY B 281 -32.14 -19.27 15.02
CA GLY B 281 -32.32 -19.97 13.77
C GLY B 281 -31.15 -19.91 12.82
N SER B 282 -29.93 -19.73 13.33
CA SER B 282 -28.75 -19.64 12.49
C SER B 282 -27.86 -20.85 12.63
N ILE B 283 -27.07 -21.10 11.59
CA ILE B 283 -25.99 -22.07 11.60
C ILE B 283 -24.72 -21.31 11.88
N ILE B 284 -24.04 -21.65 12.96
CA ILE B 284 -22.75 -21.04 13.34
C ILE B 284 -21.67 -22.08 13.14
N ILE B 285 -20.66 -21.74 12.35
CA ILE B 285 -19.46 -22.55 12.19
C ILE B 285 -18.28 -21.66 12.54
N MET B 286 -17.60 -21.97 13.64
CA MET B 286 -16.49 -21.17 14.09
C MET B 286 -15.28 -22.04 14.37
N SER B 287 -14.10 -21.43 14.28
CA SER B 287 -12.88 -22.03 14.78
C SER B 287 -12.49 -21.37 16.10
N ILE B 288 -11.79 -22.12 16.94
CA ILE B 288 -11.42 -21.63 18.27
C ILE B 288 -10.17 -22.38 18.72
N HIS B 289 -9.30 -21.69 19.45
CA HIS B 289 -8.02 -22.29 19.86
C HIS B 289 -7.98 -22.77 21.30
N GLN B 290 -8.23 -21.91 22.27
CA GLN B 290 -8.10 -22.30 23.67
C GLN B 290 -9.42 -22.05 24.41
N PRO B 291 -10.47 -22.80 24.10
CA PRO B 291 -11.75 -22.54 24.77
C PRO B 291 -11.71 -22.98 26.22
N SER B 292 -12.24 -22.13 27.08
CA SER B 292 -12.39 -22.50 28.46
C SER B 292 -13.57 -23.44 28.62
N HIS B 293 -13.75 -23.96 29.84
CA HIS B 293 -14.89 -24.82 30.11
C HIS B 293 -16.22 -24.07 30.08
N ARG B 294 -16.19 -22.75 30.28
CA ARG B 294 -17.38 -21.94 30.07
C ARG B 294 -17.76 -21.88 28.59
N VAL B 295 -16.77 -21.67 27.72
CA VAL B 295 -17.05 -21.52 26.29
C VAL B 295 -17.40 -22.87 25.67
N LEU B 296 -16.68 -23.92 26.08
CA LEU B 296 -16.89 -25.27 25.53
C LEU B 296 -18.26 -25.83 25.87
N SER B 297 -18.88 -25.38 26.95
CA SER B 297 -20.24 -25.81 27.26
C SER B 297 -21.26 -25.14 26.35
N LEU B 298 -20.92 -24.03 25.72
CA LEU B 298 -21.81 -23.36 24.78
C LEU B 298 -21.70 -23.92 23.37
N LEU B 299 -20.69 -24.73 23.08
CA LEU B 299 -20.52 -25.32 21.76
C LEU B 299 -21.20 -26.69 21.72
N ASP B 300 -22.06 -26.87 20.72
CA ASP B 300 -22.85 -28.10 20.63
C ASP B 300 -22.13 -29.21 19.88
N ARG B 301 -21.37 -28.88 18.84
CA ARG B 301 -20.64 -29.87 18.05
C ARG B 301 -19.20 -29.44 17.87
N LEU B 302 -18.29 -30.39 17.99
CA LEU B 302 -16.88 -30.15 17.77
C LEU B 302 -16.38 -30.97 16.59
N ILE B 303 -15.45 -30.41 15.84
CA ILE B 303 -14.67 -31.13 14.85
C ILE B 303 -13.20 -30.81 15.11
N PHE B 304 -12.39 -31.84 15.29
CA PHE B 304 -10.98 -31.70 15.56
C PHE B 304 -10.21 -32.03 14.29
N LEU B 305 -9.28 -31.16 13.91
CA LEU B 305 -8.49 -31.34 12.71
C LEU B 305 -7.04 -31.67 13.07
N SER B 306 -6.41 -32.46 12.21
CA SER B 306 -5.02 -32.83 12.39
C SER B 306 -4.41 -32.98 11.01
N ARG B 307 -3.75 -31.93 10.54
CA ARG B 307 -3.05 -31.89 9.24
C ARG B 307 -3.99 -32.21 8.08
N GLY B 308 -5.18 -31.63 8.11
CA GLY B 308 -6.15 -31.81 7.05
C GLY B 308 -7.07 -33.00 7.22
N HIS B 309 -6.86 -33.82 8.23
CA HIS B 309 -7.72 -34.96 8.50
C HIS B 309 -8.62 -34.66 9.69
N THR B 310 -9.81 -35.25 9.68
CA THR B 310 -10.67 -35.23 10.85
C THR B 310 -10.26 -36.35 11.79
N VAL B 311 -10.01 -36.01 13.05
CA VAL B 311 -9.67 -37.00 14.06
C VAL B 311 -10.73 -37.12 15.13
N PHE B 312 -11.67 -36.18 15.21
CA PHE B 312 -12.78 -36.26 16.15
C PHE B 312 -13.94 -35.46 15.60
N SER B 313 -15.14 -35.99 15.76
CA SER B 313 -16.37 -35.27 15.52
C SER B 313 -17.37 -35.68 16.59
N GLY B 314 -18.06 -34.72 17.17
CA GLY B 314 -19.11 -35.03 18.10
C GLY B 314 -19.27 -33.94 19.14
N SER B 315 -20.05 -34.27 20.16
CA SER B 315 -20.33 -33.36 21.25
C SER B 315 -19.11 -33.21 22.15
N PRO B 316 -19.00 -32.10 22.88
CA PRO B 316 -17.96 -32.01 23.93
C PRO B 316 -18.12 -33.02 25.05
N ALA B 317 -19.34 -33.47 25.33
CA ALA B 317 -19.56 -34.45 26.39
C ALA B 317 -19.13 -35.85 26.01
N SER B 318 -19.04 -36.18 24.72
CA SER B 318 -18.61 -37.48 24.26
C SER B 318 -17.10 -37.58 24.09
N LEU B 319 -16.37 -36.54 24.44
CA LEU B 319 -14.91 -36.48 24.33
C LEU B 319 -14.16 -37.37 25.32
N PRO B 320 -14.57 -37.55 26.59
CA PRO B 320 -13.90 -38.59 27.38
C PRO B 320 -14.29 -40.00 26.98
N SER B 321 -15.49 -40.18 26.42
CA SER B 321 -15.91 -41.51 26.00
C SER B 321 -15.23 -41.92 24.70
N PHE B 322 -14.86 -40.94 23.86
CA PHE B 322 -14.18 -41.23 22.62
C PHE B 322 -12.76 -41.72 22.87
N PHE B 323 -11.99 -40.97 23.66
CA PHE B 323 -10.57 -41.26 23.81
C PHE B 323 -10.34 -42.44 24.75
N ALA B 324 -11.33 -42.77 25.59
CA ALA B 324 -11.24 -44.01 26.37
C ALA B 324 -11.41 -45.23 25.48
N GLY B 325 -12.19 -45.09 24.40
CA GLY B 325 -12.29 -46.17 23.43
C GLY B 325 -11.13 -46.25 22.47
N PHE B 326 -10.43 -45.14 22.24
CA PHE B 326 -9.23 -45.15 21.41
C PHE B 326 -8.06 -45.80 22.13
N GLY B 327 -8.02 -45.72 23.46
CA GLY B 327 -6.95 -46.30 24.25
C GLY B 327 -6.23 -45.33 25.16
N ASN B 328 -6.47 -44.03 25.06
CA ASN B 328 -5.85 -43.04 25.94
C ASN B 328 -6.95 -42.30 26.68
N PRO B 329 -7.37 -42.80 27.84
CA PRO B 329 -8.46 -42.13 28.57
C PRO B 329 -8.02 -40.82 29.20
N ILE B 330 -8.99 -39.93 29.39
CA ILE B 330 -8.73 -38.60 29.93
C ILE B 330 -8.97 -38.64 31.44
N PRO B 331 -8.08 -38.07 32.25
CA PRO B 331 -8.39 -37.86 33.66
C PRO B 331 -9.48 -36.80 33.82
N GLU B 332 -10.18 -36.87 34.96
CA GLU B 332 -11.28 -35.94 35.19
C GLU B 332 -10.80 -34.57 35.66
N ASN B 333 -9.53 -34.45 36.08
CA ASN B 333 -9.01 -33.18 36.55
C ASN B 333 -8.31 -32.36 35.48
N GLU B 334 -8.10 -32.91 34.28
CA GLU B 334 -7.44 -32.19 33.20
C GLU B 334 -8.44 -31.62 32.21
N ASN B 335 -7.97 -30.62 31.45
CA ASN B 335 -8.78 -30.04 30.40
C ASN B 335 -8.89 -31.02 29.24
N GLN B 336 -10.11 -31.22 28.74
CA GLN B 336 -10.34 -32.27 27.76
C GLN B 336 -9.85 -31.89 26.38
N THR B 337 -9.97 -30.62 25.99
CA THR B 337 -9.43 -30.21 24.71
C THR B 337 -7.92 -30.05 24.74
N GLU B 338 -7.37 -29.69 25.91
CA GLU B 338 -5.92 -29.65 26.04
C GLU B 338 -5.30 -31.04 25.97
N PHE B 339 -5.95 -32.03 26.59
CA PHE B 339 -5.49 -33.40 26.50
C PHE B 339 -5.61 -33.95 25.09
N ALA B 340 -6.64 -33.54 24.37
CA ALA B 340 -6.89 -34.06 23.03
C ALA B 340 -5.82 -33.58 22.05
N LEU B 341 -5.55 -32.28 22.03
CA LEU B 341 -4.52 -31.75 21.15
C LEU B 341 -3.11 -32.13 21.59
N ASP B 342 -2.92 -32.47 22.87
CA ASP B 342 -1.64 -33.03 23.29
C ASP B 342 -1.41 -34.40 22.68
N LEU B 343 -2.43 -35.26 22.73
CA LEU B 343 -2.32 -36.60 22.17
C LEU B 343 -2.23 -36.58 20.65
N ILE B 344 -2.95 -35.65 20.02
CA ILE B 344 -2.95 -35.56 18.57
C ILE B 344 -1.59 -35.11 18.04
N ARG B 345 -0.97 -34.15 18.72
CA ARG B 345 0.36 -33.68 18.32
C ARG B 345 1.42 -34.77 18.56
N GLU B 346 1.28 -35.52 19.64
CA GLU B 346 2.16 -36.67 19.88
C GLU B 346 1.97 -37.75 18.82
N LEU B 347 0.73 -37.95 18.37
CA LEU B 347 0.47 -38.91 17.29
C LEU B 347 1.03 -38.41 15.97
N GLU B 348 1.10 -37.10 15.77
CA GLU B 348 1.68 -36.53 14.54
C GLU B 348 3.18 -36.82 14.46
N GLY B 349 3.87 -36.87 15.59
CA GLY B 349 5.27 -37.19 15.61
C GLY B 349 5.61 -38.66 15.73
N SER B 350 4.60 -39.52 15.85
CA SER B 350 4.81 -40.95 15.96
C SER B 350 5.17 -41.54 14.61
N ALA B 351 5.53 -42.82 14.63
CA ALA B 351 5.88 -43.51 13.39
C ALA B 351 4.65 -43.78 12.53
N GLY B 352 3.54 -44.18 13.17
CA GLY B 352 2.33 -44.49 12.44
C GLY B 352 1.42 -43.32 12.15
N GLY B 353 1.72 -42.15 12.70
CA GLY B 353 0.95 -40.96 12.41
C GLY B 353 -0.37 -40.91 13.16
N THR B 354 -1.26 -40.06 12.67
CA THR B 354 -2.62 -39.98 13.17
C THR B 354 -3.56 -40.92 12.44
N ARG B 355 -3.04 -41.77 11.55
CA ARG B 355 -3.87 -42.56 10.65
C ARG B 355 -4.66 -43.62 11.40
N GLY B 356 -4.13 -44.11 12.52
CA GLY B 356 -4.93 -44.99 13.37
C GLY B 356 -6.08 -44.26 14.04
N LEU B 357 -5.87 -43.00 14.43
CA LEU B 357 -6.93 -42.20 15.00
C LEU B 357 -7.94 -41.75 13.93
N VAL B 358 -7.47 -41.51 12.71
CA VAL B 358 -8.37 -41.11 11.63
C VAL B 358 -9.28 -42.27 11.24
N GLU B 359 -8.75 -43.49 11.22
CA GLU B 359 -9.58 -44.66 10.99
C GLU B 359 -10.50 -44.94 12.17
N PHE B 360 -10.03 -44.69 13.40
CA PHE B 360 -10.86 -44.93 14.57
C PHE B 360 -12.03 -43.95 14.65
N ASN B 361 -11.80 -42.70 14.25
CA ASN B 361 -12.87 -41.72 14.24
C ASN B 361 -13.94 -42.07 13.22
N LYS B 362 -13.55 -42.64 12.08
CA LYS B 362 -14.51 -43.10 11.09
C LYS B 362 -15.35 -44.24 11.63
N LYS B 363 -14.74 -45.17 12.39
CA LYS B 363 -15.50 -46.23 13.04
C LYS B 363 -16.39 -45.68 14.13
N TRP B 364 -15.93 -44.64 14.84
CA TRP B 364 -16.73 -44.05 15.92
C TRP B 364 -17.97 -43.34 15.39
N GLN B 365 -17.88 -42.73 14.20
CA GLN B 365 -19.06 -42.11 13.61
C GLN B 365 -20.04 -43.14 13.09
N GLU B 366 -19.57 -44.32 12.68
CA GLU B 366 -20.48 -45.33 12.15
C GLU B 366 -21.22 -46.10 13.23
N MET B 367 -20.71 -46.13 14.46
CA MET B 367 -21.44 -46.79 15.53
C MET B 367 -22.63 -45.98 16.01
N LYS B 368 -22.56 -44.64 15.89
CA LYS B 368 -23.67 -43.78 16.30
C LYS B 368 -24.78 -43.72 15.27
N LYS B 369 -24.57 -44.29 14.08
CA LYS B 369 -25.64 -44.53 13.14
C LYS B 369 -26.35 -45.86 13.39
N GLN B 370 -26.00 -46.55 14.47
CA GLN B 370 -26.68 -47.78 14.88
C GLN B 370 -27.49 -47.60 16.17
N SER B 371 -27.11 -46.63 17.01
CA SER B 371 -27.79 -46.39 18.27
C SER B 371 -29.16 -45.75 18.06
N ASN B 385 -41.68 -31.80 1.03
CA ASN B 385 -42.26 -30.71 1.81
C ASN B 385 -41.67 -29.37 1.39
N LEU B 386 -41.12 -28.63 2.36
CA LEU B 386 -40.56 -27.31 2.12
C LEU B 386 -39.22 -27.43 1.42
N THR B 387 -39.09 -26.82 0.24
CA THR B 387 -37.81 -26.80 -0.47
C THR B 387 -36.92 -25.70 0.12
N LEU B 388 -35.69 -25.59 -0.40
CA LEU B 388 -34.71 -24.72 0.23
C LEU B 388 -35.02 -23.24 0.00
N LYS B 389 -35.44 -22.87 -1.21
CA LYS B 389 -35.81 -21.49 -1.46
C LYS B 389 -37.11 -21.12 -0.75
N GLU B 390 -37.97 -22.09 -0.51
CA GLU B 390 -39.14 -21.85 0.34
C GLU B 390 -38.74 -21.73 1.80
N ALA B 391 -37.76 -22.53 2.25
CA ALA B 391 -37.36 -22.49 3.65
C ALA B 391 -36.55 -21.23 3.96
N ILE B 392 -35.85 -20.68 2.96
CA ILE B 392 -35.14 -19.43 3.19
C ILE B 392 -36.13 -18.27 3.23
N SER B 393 -37.13 -18.27 2.33
CA SER B 393 -38.14 -17.23 2.33
C SER B 393 -39.04 -17.30 3.55
N ALA B 394 -39.27 -18.50 4.08
CA ALA B 394 -39.97 -18.63 5.35
C ALA B 394 -39.11 -18.18 6.52
N SER B 395 -37.79 -18.12 6.33
CA SER B 395 -36.89 -17.64 7.37
C SER B 395 -36.76 -16.13 7.36
N ILE B 396 -36.88 -15.49 6.18
CA ILE B 396 -36.87 -14.03 6.12
C ILE B 396 -38.10 -13.46 6.81
N SER B 397 -39.25 -14.12 6.64
CA SER B 397 -40.48 -13.67 7.29
C SER B 397 -40.44 -13.84 8.80
N ARG B 398 -39.55 -14.68 9.32
CA ARG B 398 -39.36 -14.83 10.75
C ARG B 398 -38.44 -13.78 11.34
N GLY B 399 -37.57 -13.17 10.54
CA GLY B 399 -36.73 -12.09 11.03
C GLY B 399 -35.25 -12.25 10.72
N LYS B 400 -34.87 -13.42 10.18
CA LYS B 400 -33.50 -13.62 9.77
C LYS B 400 -33.24 -12.90 8.46
N LEU B 401 -32.07 -12.29 8.34
CA LEU B 401 -31.66 -11.45 7.21
C LEU B 401 -32.70 -10.37 6.93
N VAL B 402 -32.72 -9.39 7.84
CA VAL B 402 -33.80 -8.40 7.99
C VAL B 402 -34.18 -7.64 6.72
N LEU B 419 -42.60 -15.54 -1.57
CA LEU B 419 -41.68 -14.46 -1.23
C LEU B 419 -40.34 -14.66 -1.93
N ALA B 420 -39.93 -13.66 -2.71
CA ALA B 420 -38.64 -13.70 -3.37
C ALA B 420 -37.52 -13.37 -2.37
N VAL B 421 -36.33 -13.84 -2.68
CA VAL B 421 -35.15 -13.59 -1.85
C VAL B 421 -34.30 -12.55 -2.57
N PRO B 422 -34.25 -11.31 -2.10
CA PRO B 422 -33.41 -10.31 -2.75
C PRO B 422 -31.93 -10.56 -2.50
N ALA B 423 -31.14 -10.45 -3.55
CA ALA B 423 -29.70 -10.66 -3.44
C ALA B 423 -29.00 -9.55 -2.67
N PHE B 424 -29.61 -8.37 -2.62
CA PHE B 424 -29.06 -7.22 -1.92
C PHE B 424 -30.14 -6.62 -1.03
N ALA B 425 -29.72 -6.09 0.11
CA ALA B 425 -30.67 -5.58 1.10
C ALA B 425 -31.33 -4.28 0.65
N ASN B 426 -30.66 -3.52 -0.20
CA ASN B 426 -31.05 -2.17 -0.53
C ASN B 426 -31.01 -1.99 -2.04
N PRO B 427 -31.75 -1.01 -2.58
CA PRO B 427 -31.57 -0.64 -3.99
C PRO B 427 -30.19 -0.05 -4.22
N PHE B 428 -29.83 0.06 -5.50
CA PHE B 428 -28.48 0.47 -5.86
C PHE B 428 -28.21 1.93 -5.49
N TRP B 429 -29.25 2.76 -5.49
CA TRP B 429 -29.09 4.17 -5.13
C TRP B 429 -28.99 4.38 -3.63
N ILE B 430 -29.48 3.44 -2.82
CA ILE B 430 -29.20 3.48 -1.40
C ILE B 430 -27.76 3.07 -1.14
N GLU B 431 -27.25 2.12 -1.93
CA GLU B 431 -25.86 1.70 -1.81
C GLU B 431 -24.89 2.75 -2.33
N ILE B 432 -25.28 3.52 -3.34
CA ILE B 432 -24.46 4.62 -3.81
C ILE B 432 -24.38 5.70 -2.74
N LYS B 433 -25.50 5.97 -2.06
CA LYS B 433 -25.53 6.98 -1.02
C LYS B 433 -24.67 6.58 0.18
N THR B 434 -24.65 5.30 0.53
CA THR B 434 -23.82 4.83 1.64
C THR B 434 -22.35 4.83 1.27
N LEU B 435 -22.01 4.37 0.06
CA LEU B 435 -20.63 4.31 -0.37
C LEU B 435 -20.05 5.69 -0.60
N THR B 436 -20.88 6.66 -0.99
CA THR B 436 -20.42 8.04 -1.17
C THR B 436 -20.08 8.68 0.17
N ARG B 437 -20.90 8.46 1.19
CA ARG B 437 -20.67 9.04 2.51
C ARG B 437 -19.42 8.47 3.17
N ARG B 438 -19.11 7.19 2.93
CA ARG B 438 -17.90 6.61 3.50
C ARG B 438 -16.65 7.15 2.81
N SER B 439 -16.71 7.37 1.50
CA SER B 439 -15.59 7.98 0.78
C SER B 439 -15.40 9.44 1.16
N ILE B 440 -16.49 10.15 1.44
CA ILE B 440 -16.38 11.53 1.90
C ILE B 440 -15.80 11.55 3.30
N LEU B 441 -16.23 10.62 4.15
CA LEU B 441 -15.71 10.54 5.52
C LEU B 441 -14.25 10.12 5.54
N ASN B 442 -13.82 9.27 4.62
CA ASN B 442 -12.39 8.97 4.54
C ASN B 442 -11.58 10.13 4.00
N SER B 443 -12.19 11.04 3.26
CA SER B 443 -11.50 12.22 2.76
C SER B 443 -11.44 13.35 3.78
N ARG B 444 -12.44 13.47 4.63
CA ARG B 444 -12.40 14.46 5.70
C ARG B 444 -11.33 14.12 6.73
N ARG B 445 -11.10 12.83 6.97
CA ARG B 445 -10.12 12.40 7.97
C ARG B 445 -8.69 12.55 7.48
N GLN B 446 -8.48 12.61 6.17
CA GLN B 446 -7.17 12.88 5.58
C GLN B 446 -7.30 14.08 4.66
N PRO B 447 -7.42 15.29 5.21
CA PRO B 447 -7.68 16.47 4.37
C PRO B 447 -6.50 16.87 3.51
N GLU B 448 -5.30 16.40 3.82
CA GLU B 448 -4.09 16.71 3.05
C GLU B 448 -4.05 16.01 1.70
N LEU B 449 -4.91 15.02 1.46
CA LEU B 449 -4.97 14.40 0.14
C LEU B 449 -5.55 15.36 -0.89
N LEU B 450 -6.75 15.87 -0.62
CA LEU B 450 -7.34 16.87 -1.50
C LEU B 450 -6.64 18.22 -1.37
N GLY B 451 -6.13 18.52 -0.17
CA GLY B 451 -5.46 19.80 0.04
C GLY B 451 -4.16 19.94 -0.74
N MET B 452 -3.40 18.86 -0.88
CA MET B 452 -2.18 18.93 -1.67
C MET B 452 -2.44 18.83 -3.16
N ARG B 453 -3.48 18.10 -3.57
CA ARG B 453 -3.87 18.09 -4.97
C ARG B 453 -4.35 19.46 -5.42
N LEU B 454 -5.05 20.18 -4.54
CA LEU B 454 -5.44 21.54 -4.84
C LEU B 454 -4.24 22.47 -4.84
N ALA B 455 -3.25 22.20 -3.98
CA ALA B 455 -2.11 23.10 -3.86
C ALA B 455 -1.16 22.97 -5.05
N THR B 456 -0.94 21.75 -5.53
CA THR B 456 -0.05 21.59 -6.69
C THR B 456 -0.68 22.09 -7.98
N VAL B 457 -2.01 22.04 -8.09
CA VAL B 457 -2.67 22.56 -9.28
C VAL B 457 -2.63 24.09 -9.30
N ILE B 458 -2.84 24.71 -8.13
CA ILE B 458 -2.76 26.16 -8.02
C ILE B 458 -1.34 26.65 -8.26
N VAL B 459 -0.34 25.93 -7.76
CA VAL B 459 1.05 26.31 -7.96
C VAL B 459 1.45 26.13 -9.43
N THR B 460 1.02 25.03 -10.06
CA THR B 460 1.25 24.85 -11.49
C THR B 460 0.58 25.94 -12.32
N GLY B 461 -0.62 26.36 -11.91
CA GLY B 461 -1.26 27.47 -12.59
C GLY B 461 -0.57 28.79 -12.34
N PHE B 462 -0.01 28.98 -11.14
CA PHE B 462 0.69 30.23 -10.84
C PHE B 462 2.04 30.30 -11.57
N ILE B 463 2.72 29.16 -11.70
CA ILE B 463 4.01 29.14 -12.38
C ILE B 463 3.83 29.42 -13.85
N LEU B 464 2.85 28.77 -14.49
CA LEU B 464 2.53 29.03 -15.89
C LEU B 464 2.00 30.43 -16.14
N ALA B 465 1.41 31.06 -15.12
CA ALA B 465 0.92 32.41 -15.27
C ALA B 465 2.06 33.43 -15.34
N THR B 466 3.14 33.18 -14.60
CA THR B 466 4.27 34.08 -14.61
C THR B 466 5.20 33.80 -15.79
N VAL B 467 5.24 32.56 -16.25
CA VAL B 467 6.09 32.18 -17.37
C VAL B 467 5.46 32.60 -18.69
N PHE B 468 4.15 32.40 -18.83
CA PHE B 468 3.42 32.66 -20.07
C PHE B 468 2.54 33.90 -19.94
N TRP B 469 3.05 34.95 -19.30
CA TRP B 469 2.27 36.13 -18.96
C TRP B 469 1.89 36.93 -20.20
N ARG B 470 0.58 37.00 -20.47
CA ARG B 470 -0.07 37.90 -21.43
C ARG B 470 0.57 37.80 -22.83
N LEU B 471 0.44 36.61 -23.41
CA LEU B 471 1.06 36.31 -24.70
C LEU B 471 0.45 37.16 -25.82
N ASP B 472 1.28 37.50 -26.79
CA ASP B 472 0.92 38.47 -27.82
C ASP B 472 0.83 37.80 -29.19
N ASN B 473 0.34 38.58 -30.15
CA ASN B 473 0.18 38.14 -31.53
C ASN B 473 1.53 38.27 -32.24
N SER B 474 2.34 37.23 -32.12
CA SER B 474 3.67 37.18 -32.74
C SER B 474 3.91 35.75 -33.17
N PRO B 475 4.90 35.51 -34.05
CA PRO B 475 5.27 34.12 -34.36
C PRO B 475 5.76 33.34 -33.16
N LYS B 476 6.42 33.99 -32.22
CA LYS B 476 6.79 33.31 -30.99
C LYS B 476 5.63 33.29 -30.00
N GLY B 477 4.70 34.23 -30.11
CA GLY B 477 3.47 34.17 -29.34
C GLY B 477 2.53 33.06 -29.77
N VAL B 478 2.70 32.55 -30.98
CA VAL B 478 1.98 31.35 -31.40
C VAL B 478 2.62 30.11 -30.79
N GLN B 479 3.94 29.98 -30.92
CA GLN B 479 4.64 28.82 -30.35
C GLN B 479 4.59 28.82 -28.83
N GLU B 480 4.45 29.99 -28.21
CA GLU B 480 4.20 30.05 -26.78
C GLU B 480 2.82 29.53 -26.44
N ARG B 481 1.82 29.86 -27.25
CA ARG B 481 0.46 29.36 -27.02
C ARG B 481 0.39 27.85 -27.23
N LEU B 482 1.06 27.35 -28.27
CA LEU B 482 1.05 25.92 -28.55
C LEU B 482 1.79 25.15 -27.47
N GLY B 483 2.87 25.72 -26.92
CA GLY B 483 3.61 25.05 -25.88
C GLY B 483 3.01 25.17 -24.51
N PHE B 484 2.28 26.27 -24.26
CA PHE B 484 1.51 26.38 -23.03
C PHE B 484 0.40 25.33 -22.99
N PHE B 485 -0.36 25.22 -24.09
CA PHE B 485 -1.49 24.30 -24.13
C PHE B 485 -1.04 22.85 -24.15
N ALA B 486 0.09 22.57 -24.80
CA ALA B 486 0.67 21.23 -24.73
C ALA B 486 1.13 20.89 -23.33
N PHE B 487 1.70 21.85 -22.61
CA PHE B 487 2.15 21.59 -21.25
C PHE B 487 0.98 21.48 -20.29
N ALA B 488 -0.03 22.35 -20.45
CA ALA B 488 -1.17 22.35 -19.54
C ALA B 488 -2.00 21.09 -19.68
N MET B 489 -2.25 20.64 -20.92
CA MET B 489 -2.99 19.40 -21.14
C MET B 489 -2.20 18.18 -20.66
N SER B 490 -0.87 18.22 -20.77
CA SER B 490 -0.08 17.06 -20.41
C SER B 490 0.03 16.88 -18.89
N THR B 491 0.14 17.98 -18.15
CA THR B 491 0.22 17.84 -16.70
C THR B 491 -1.13 17.53 -16.09
N MET B 492 -2.22 17.84 -16.79
CA MET B 492 -3.55 17.41 -16.35
C MET B 492 -3.67 15.90 -16.34
N PHE B 493 -3.24 15.25 -17.43
CA PHE B 493 -3.34 13.81 -17.50
C PHE B 493 -2.34 13.13 -16.58
N TYR B 494 -1.18 13.74 -16.38
CA TYR B 494 -0.20 13.19 -15.44
C TYR B 494 -0.61 13.42 -13.99
N THR B 495 -1.36 14.49 -13.71
CA THR B 495 -1.96 14.68 -12.39
C THR B 495 -2.92 13.55 -12.06
N CYS B 496 -3.66 13.07 -13.07
CA CYS B 496 -4.67 12.03 -12.89
C CYS B 496 -4.09 10.68 -12.54
N ALA B 497 -2.77 10.49 -12.69
CA ALA B 497 -2.15 9.24 -12.29
C ALA B 497 -2.14 9.03 -10.79
N ASP B 498 -2.38 10.08 -9.99
CA ASP B 498 -2.44 9.87 -8.55
C ASP B 498 -3.73 9.19 -8.09
N ALA B 499 -4.68 8.99 -9.00
CA ALA B 499 -5.88 8.23 -8.73
C ALA B 499 -5.67 6.72 -8.79
N LEU B 500 -4.50 6.25 -9.21
CA LEU B 500 -4.21 4.82 -9.32
C LEU B 500 -4.23 4.07 -7.99
N PRO B 501 -3.69 4.56 -6.87
CA PRO B 501 -3.85 3.79 -5.63
C PRO B 501 -5.21 3.93 -4.94
N VAL B 502 -6.17 4.66 -5.53
CA VAL B 502 -7.47 4.86 -4.87
C VAL B 502 -8.22 3.54 -4.78
N PHE B 503 -8.32 2.82 -5.90
CA PHE B 503 -8.94 1.50 -5.86
C PHE B 503 -8.03 0.47 -5.21
N LEU B 504 -6.72 0.64 -5.36
CA LEU B 504 -5.77 -0.40 -4.94
C LEU B 504 -5.62 -0.48 -3.43
N GLN B 505 -5.76 0.62 -2.69
CA GLN B 505 -5.82 0.50 -1.24
C GLN B 505 -7.21 0.20 -0.71
N GLU B 506 -8.23 0.20 -1.56
CA GLU B 506 -9.57 -0.20 -1.16
C GLU B 506 -9.93 -1.61 -1.63
N ARG B 507 -9.06 -2.25 -2.42
CA ARG B 507 -9.46 -3.40 -3.23
C ARG B 507 -9.71 -4.63 -2.37
N TYR B 508 -8.89 -4.86 -1.34
CA TYR B 508 -9.07 -6.02 -0.49
C TYR B 508 -10.30 -5.87 0.41
N ILE B 509 -10.63 -4.65 0.83
CA ILE B 509 -11.87 -4.42 1.55
C ILE B 509 -13.06 -4.54 0.62
N PHE B 510 -12.88 -4.10 -0.63
CA PHE B 510 -13.94 -4.20 -1.65
C PHE B 510 -14.24 -5.66 -1.97
N MET B 511 -13.20 -6.50 -2.02
CA MET B 511 -13.37 -7.91 -2.30
C MET B 511 -14.08 -8.62 -1.17
N ARG B 512 -13.79 -8.24 0.07
CA ARG B 512 -14.43 -8.86 1.23
C ARG B 512 -15.89 -8.47 1.35
N GLU B 513 -16.22 -7.22 1.06
CA GLU B 513 -17.59 -6.75 1.21
C GLU B 513 -18.48 -7.25 0.08
N THR B 514 -17.95 -7.32 -1.14
CA THR B 514 -18.76 -7.75 -2.27
C THR B 514 -18.85 -9.27 -2.37
N ALA B 515 -18.04 -10.01 -1.61
CA ALA B 515 -18.13 -11.47 -1.60
C ALA B 515 -19.40 -11.98 -0.96
N TYR B 516 -20.04 -11.18 -0.09
CA TYR B 516 -21.26 -11.56 0.60
C TYR B 516 -22.32 -10.49 0.46
N ASN B 517 -22.25 -9.73 -0.65
CA ASN B 517 -23.34 -8.89 -1.17
C ASN B 517 -23.68 -7.74 -0.22
N ALA B 518 -22.65 -7.01 0.22
CA ALA B 518 -22.90 -5.79 0.97
C ALA B 518 -23.40 -4.68 0.05
N TYR B 519 -22.89 -4.64 -1.18
CA TYR B 519 -23.33 -3.71 -2.20
C TYR B 519 -22.94 -4.30 -3.53
N ARG B 520 -23.62 -3.84 -4.58
CA ARG B 520 -23.27 -4.23 -5.93
C ARG B 520 -21.93 -3.65 -6.33
N ARG B 521 -21.24 -4.36 -7.22
CA ARG B 521 -20.00 -3.83 -7.78
C ARG B 521 -20.26 -2.69 -8.76
N SER B 522 -21.47 -2.62 -9.33
CA SER B 522 -21.87 -1.49 -10.15
C SER B 522 -22.07 -0.24 -9.30
N SER B 523 -22.64 -0.40 -8.10
CA SER B 523 -22.81 0.72 -7.18
C SER B 523 -21.47 1.28 -6.73
N TYR B 524 -20.46 0.43 -6.60
CA TYR B 524 -19.11 0.89 -6.24
C TYR B 524 -18.50 1.73 -7.34
N VAL B 525 -18.65 1.32 -8.60
CA VAL B 525 -18.11 2.07 -9.72
C VAL B 525 -18.84 3.40 -9.87
N LEU B 526 -20.15 3.39 -9.65
CA LEU B 526 -20.93 4.61 -9.76
C LEU B 526 -20.63 5.58 -8.62
N SER B 527 -20.45 5.05 -7.41
CA SER B 527 -20.13 5.90 -6.27
C SER B 527 -18.73 6.47 -6.38
N HIS B 528 -17.78 5.69 -6.90
CA HIS B 528 -16.41 6.18 -7.05
C HIS B 528 -16.31 7.27 -8.10
N ALA B 529 -17.11 7.19 -9.17
CA ALA B 529 -17.13 8.26 -10.16
C ALA B 529 -17.85 9.50 -9.66
N ILE B 530 -18.73 9.36 -8.68
CA ILE B 530 -19.48 10.49 -8.14
C ILE B 530 -18.66 11.23 -7.09
N VAL B 531 -17.87 10.52 -6.29
CA VAL B 531 -17.15 11.18 -5.19
C VAL B 531 -15.95 11.97 -5.69
N THR B 532 -15.35 11.55 -6.81
CA THR B 532 -14.14 12.23 -7.26
C THR B 532 -14.46 13.44 -8.11
N PHE B 533 -15.69 13.55 -8.59
CA PHE B 533 -16.12 14.63 -9.46
C PHE B 533 -16.20 16.03 -8.82
N PRO B 534 -16.58 16.21 -7.53
CA PRO B 534 -16.43 17.55 -6.96
C PRO B 534 -14.99 18.01 -6.85
N SER B 535 -14.04 17.12 -6.59
CA SER B 535 -12.65 17.53 -6.53
C SER B 535 -12.10 17.87 -7.90
N LEU B 536 -12.56 17.18 -8.94
CA LEU B 536 -12.16 17.53 -10.31
C LEU B 536 -12.71 18.89 -10.73
N ILE B 537 -13.84 19.30 -10.15
CA ILE B 537 -14.38 20.62 -10.45
C ILE B 537 -13.54 21.70 -9.78
N PHE B 538 -13.07 21.43 -8.55
CA PHE B 538 -12.24 22.40 -7.85
C PHE B 538 -10.87 22.53 -8.49
N LEU B 539 -10.29 21.42 -8.96
CA LEU B 539 -9.03 21.48 -9.67
C LEU B 539 -9.17 22.17 -11.02
N SER B 540 -10.31 22.00 -11.67
CA SER B 540 -10.51 22.62 -12.98
C SER B 540 -10.77 24.11 -12.84
N LEU B 541 -11.47 24.51 -11.79
CA LEU B 541 -11.69 25.92 -11.53
C LEU B 541 -10.42 26.60 -11.04
N ALA B 542 -9.61 25.89 -10.25
CA ALA B 542 -8.36 26.47 -9.76
C ALA B 542 -7.36 26.67 -10.89
N PHE B 543 -7.29 25.74 -11.83
CA PHE B 543 -6.38 25.91 -12.95
C PHE B 543 -6.87 26.95 -13.95
N ALA B 544 -8.18 27.04 -14.15
CA ALA B 544 -8.70 27.95 -15.18
C ALA B 544 -8.63 29.39 -14.74
N VAL B 545 -8.83 29.70 -13.45
CA VAL B 545 -8.80 31.09 -13.05
C VAL B 545 -7.39 31.61 -12.87
N THR B 546 -6.41 30.73 -12.60
CA THR B 546 -5.03 31.18 -12.51
C THR B 546 -4.37 31.34 -13.87
N THR B 547 -4.96 30.83 -14.94
CA THR B 547 -4.29 30.83 -16.24
C THR B 547 -5.05 31.51 -17.37
N PHE B 548 -6.37 31.71 -17.28
CA PHE B 548 -7.08 32.26 -18.42
C PHE B 548 -6.77 33.74 -18.60
N TRP B 549 -6.85 34.52 -17.53
CA TRP B 549 -6.67 35.96 -17.62
C TRP B 549 -5.20 36.35 -17.60
N ALA B 550 -4.32 35.50 -17.06
CA ALA B 550 -2.92 35.84 -16.95
C ALA B 550 -2.13 35.47 -18.21
N VAL B 551 -2.47 34.34 -18.83
CA VAL B 551 -1.87 34.01 -20.12
C VAL B 551 -2.52 34.84 -21.22
N GLY B 552 -3.75 35.29 -21.01
CA GLY B 552 -4.41 36.16 -21.96
C GLY B 552 -5.10 35.41 -23.06
N LEU B 553 -5.88 34.39 -22.71
CA LEU B 553 -6.54 33.56 -23.70
C LEU B 553 -7.76 34.28 -24.25
N GLU B 554 -8.19 33.87 -25.45
CA GLU B 554 -9.25 34.54 -26.16
C GLU B 554 -10.61 33.93 -25.85
N GLY B 555 -11.65 34.71 -26.11
CA GLY B 555 -13.02 34.26 -26.01
C GLY B 555 -13.89 35.07 -25.08
N GLY B 556 -13.29 35.77 -24.12
CA GLY B 556 -14.08 36.51 -23.16
C GLY B 556 -14.64 35.57 -22.10
N LEU B 557 -15.92 35.75 -21.78
CA LEU B 557 -16.55 34.92 -20.77
C LEU B 557 -16.92 33.54 -21.31
N MET B 558 -17.39 33.47 -22.55
CA MET B 558 -17.72 32.19 -23.16
C MET B 558 -16.49 31.39 -23.51
N GLY B 559 -15.36 32.04 -23.78
CA GLY B 559 -14.12 31.33 -23.96
C GLY B 559 -13.55 30.81 -22.65
N PHE B 560 -13.80 31.52 -21.55
CA PHE B 560 -13.43 31.03 -20.24
C PHE B 560 -14.29 29.85 -19.83
N LEU B 561 -15.57 29.88 -20.18
CA LEU B 561 -16.50 28.83 -19.83
C LEU B 561 -16.18 27.53 -20.55
N PHE B 562 -15.85 27.61 -21.84
CA PHE B 562 -15.37 26.43 -22.56
C PHE B 562 -14.04 25.94 -22.00
N TYR B 563 -13.19 26.85 -21.54
CA TYR B 563 -11.90 26.49 -20.98
C TYR B 563 -12.04 25.70 -19.69
N CYS B 564 -12.98 26.10 -18.82
CA CYS B 564 -13.26 25.32 -17.62
C CYS B 564 -13.83 23.94 -17.96
N LEU B 565 -14.63 23.87 -19.02
CA LEU B 565 -15.28 22.61 -19.39
C LEU B 565 -14.30 21.60 -19.95
N ILE B 566 -13.34 22.06 -20.75
CA ILE B 566 -12.41 21.13 -21.38
C ILE B 566 -11.29 20.71 -20.43
N ILE B 567 -11.00 21.51 -19.40
CA ILE B 567 -10.11 21.05 -18.35
C ILE B 567 -10.80 19.98 -17.51
N LEU B 568 -12.07 20.20 -17.20
CA LEU B 568 -12.87 19.24 -16.44
C LEU B 568 -13.02 17.92 -17.19
N ALA B 569 -13.25 18.00 -18.50
CA ALA B 569 -13.32 16.80 -19.32
C ALA B 569 -11.98 16.08 -19.41
N SER B 570 -10.87 16.84 -19.38
CA SER B 570 -9.55 16.23 -19.35
C SER B 570 -9.29 15.50 -18.05
N PHE B 571 -9.66 16.11 -16.93
CA PHE B 571 -9.51 15.46 -15.64
C PHE B 571 -10.42 14.26 -15.53
N TRP B 572 -11.63 14.36 -16.08
CA TRP B 572 -12.58 13.26 -16.08
C TRP B 572 -12.09 12.12 -16.95
N SER B 573 -11.63 12.42 -18.16
CA SER B 573 -11.11 11.39 -19.05
C SER B 573 -9.83 10.75 -18.50
N GLY B 574 -8.93 11.57 -17.95
CA GLY B 574 -7.69 11.02 -17.43
C GLY B 574 -7.88 10.19 -16.18
N SER B 575 -8.79 10.60 -15.30
CA SER B 575 -9.05 9.83 -14.08
C SER B 575 -9.73 8.51 -14.40
N SER B 576 -10.61 8.50 -15.40
CA SER B 576 -11.34 7.30 -15.75
C SER B 576 -10.41 6.25 -16.33
N PHE B 577 -9.41 6.69 -17.09
CA PHE B 577 -8.46 5.77 -17.70
C PHE B 577 -7.51 5.21 -16.66
N VAL B 578 -7.06 6.04 -15.72
CA VAL B 578 -6.18 5.60 -14.65
C VAL B 578 -6.94 4.69 -13.70
N THR B 579 -8.24 4.92 -13.51
CA THR B 579 -9.08 4.00 -12.75
C THR B 579 -9.22 2.65 -13.44
N PHE B 580 -9.39 2.65 -14.77
CA PHE B 580 -9.48 1.41 -15.52
C PHE B 580 -8.18 0.62 -15.45
N LEU B 581 -7.04 1.31 -15.50
CA LEU B 581 -5.77 0.61 -15.37
C LEU B 581 -5.50 0.13 -13.95
N SER B 582 -6.10 0.77 -12.95
CA SER B 582 -5.99 0.26 -11.58
C SER B 582 -6.78 -1.01 -11.38
N GLY B 583 -7.85 -1.21 -12.13
CA GLY B 583 -8.58 -2.47 -12.11
C GLY B 583 -7.97 -3.56 -12.96
N VAL B 584 -7.00 -3.24 -13.79
CA VAL B 584 -6.33 -4.22 -14.65
C VAL B 584 -5.05 -4.74 -13.98
N VAL B 585 -4.32 -3.89 -13.28
CA VAL B 585 -3.11 -4.31 -12.60
C VAL B 585 -3.42 -4.76 -11.19
N PRO B 586 -2.62 -5.65 -10.59
CA PRO B 586 -2.79 -5.94 -9.16
C PRO B 586 -2.02 -4.98 -8.27
N HIS B 587 -0.95 -4.42 -8.80
CA HIS B 587 0.08 -3.77 -8.01
C HIS B 587 0.13 -2.28 -8.27
N VAL B 588 0.48 -1.52 -7.24
CA VAL B 588 0.58 -0.07 -7.41
C VAL B 588 1.85 0.28 -8.19
N MET B 589 2.89 -0.55 -8.10
CA MET B 589 4.12 -0.24 -8.82
C MET B 589 4.06 -0.70 -10.27
N LEU B 590 3.42 -1.85 -10.52
CA LEU B 590 3.09 -2.26 -11.88
C LEU B 590 2.21 -1.23 -12.57
N GLY B 591 1.24 -0.67 -11.84
CA GLY B 591 0.31 0.24 -12.45
C GLY B 591 0.94 1.57 -12.81
N TYR B 592 1.83 2.07 -11.96
CA TYR B 592 2.50 3.33 -12.26
C TYR B 592 3.51 3.18 -13.39
N THR B 593 4.08 1.99 -13.56
CA THR B 593 4.94 1.74 -14.70
C THR B 593 4.15 1.79 -16.00
N ILE B 594 2.91 1.31 -15.97
CA ILE B 594 2.11 1.19 -17.19
C ILE B 594 1.40 2.50 -17.50
N VAL B 595 0.86 3.19 -16.49
CA VAL B 595 0.16 4.46 -16.70
C VAL B 595 1.10 5.53 -17.25
N VAL B 596 2.30 5.63 -16.69
CA VAL B 596 3.27 6.64 -17.12
C VAL B 596 3.73 6.38 -18.54
N ALA B 597 3.90 5.10 -18.91
CA ALA B 597 4.30 4.75 -20.27
C ALA B 597 3.21 5.06 -21.28
N ILE B 598 1.96 4.75 -20.96
CA ILE B 598 0.86 4.95 -21.91
C ILE B 598 0.51 6.44 -22.02
N LEU B 599 0.62 7.19 -20.92
CA LEU B 599 0.41 8.63 -20.98
C LEU B 599 1.48 9.33 -21.81
N ALA B 600 2.69 8.75 -21.86
CA ALA B 600 3.73 9.27 -22.75
C ALA B 600 3.41 8.95 -24.20
N TYR B 601 2.76 7.82 -24.47
CA TYR B 601 2.41 7.50 -25.85
C TYR B 601 1.22 8.32 -26.32
N PHE B 602 0.32 8.68 -25.40
CA PHE B 602 -0.75 9.61 -25.72
C PHE B 602 -0.20 10.99 -26.08
N LEU B 603 0.89 11.39 -25.42
CA LEU B 603 1.52 12.68 -25.72
C LEU B 603 2.27 12.65 -27.04
N LEU B 604 2.96 11.55 -27.33
CA LEU B 604 3.76 11.45 -28.54
C LEU B 604 2.91 11.48 -29.80
N PHE B 605 1.71 10.90 -29.73
CA PHE B 605 0.80 10.85 -30.87
C PHE B 605 -0.37 11.81 -30.72
N SER B 606 -0.22 12.81 -29.85
CA SER B 606 -1.29 13.79 -29.65
C SER B 606 -1.41 14.75 -30.82
N GLY B 607 -0.30 15.04 -31.48
CA GLY B 607 -0.28 16.07 -32.51
C GLY B 607 0.53 17.29 -32.17
N PHE B 608 1.07 17.44 -30.96
CA PHE B 608 1.92 18.59 -30.67
C PHE B 608 3.41 18.28 -30.57
N PHE B 609 3.80 17.04 -30.30
CA PHE B 609 5.20 16.67 -30.51
C PHE B 609 5.52 16.59 -31.99
N ILE B 610 4.90 15.67 -32.69
CA ILE B 610 4.98 15.63 -34.15
C ILE B 610 3.56 15.74 -34.69
N ASN B 611 3.44 16.37 -35.85
CA ASN B 611 2.14 16.64 -36.45
C ASN B 611 1.52 15.34 -36.98
N ARG B 612 0.22 15.42 -37.28
CA ARG B 612 -0.50 14.28 -37.82
C ARG B 612 0.00 13.89 -39.21
N ASP B 613 0.50 14.86 -39.97
CA ASP B 613 1.06 14.54 -41.29
C ASP B 613 2.41 13.85 -41.19
N ARG B 614 3.10 13.96 -40.05
CA ARG B 614 4.40 13.35 -39.87
C ARG B 614 4.33 12.03 -39.09
N ILE B 615 3.22 11.76 -38.42
CA ILE B 615 3.00 10.45 -37.77
C ILE B 615 2.97 9.37 -38.86
N PRO B 616 3.69 8.26 -38.69
CA PRO B 616 3.66 7.19 -39.70
C PRO B 616 2.27 6.57 -39.83
N GLN B 617 2.03 5.95 -40.99
CA GLN B 617 0.70 5.45 -41.31
C GLN B 617 0.30 4.29 -40.41
N TYR B 618 1.27 3.50 -39.95
CA TYR B 618 1.00 2.38 -39.06
C TYR B 618 0.85 2.80 -37.61
N TRP B 619 0.93 4.09 -37.31
CA TRP B 619 0.68 4.60 -35.96
C TRP B 619 -0.52 5.53 -35.90
N ILE B 620 -1.18 5.81 -37.03
CA ILE B 620 -2.23 6.81 -37.05
C ILE B 620 -3.50 6.31 -36.37
N TRP B 621 -3.65 4.99 -36.18
CA TRP B 621 -4.74 4.47 -35.37
C TRP B 621 -4.59 4.85 -33.91
N PHE B 622 -3.36 4.91 -33.42
CA PHE B 622 -3.10 5.29 -32.04
C PHE B 622 -3.17 6.79 -31.84
N HIS B 623 -2.99 7.57 -32.91
CA HIS B 623 -3.20 9.00 -32.82
C HIS B 623 -4.65 9.33 -32.53
N TYR B 624 -5.58 8.59 -33.13
CA TYR B 624 -7.00 8.81 -32.88
C TYR B 624 -7.49 8.18 -31.58
N LEU B 625 -6.65 7.41 -30.90
CA LEU B 625 -6.94 6.90 -29.56
C LEU B 625 -6.18 7.65 -28.48
N SER B 626 -5.47 8.72 -28.85
CA SER B 626 -4.76 9.53 -27.89
C SER B 626 -5.75 10.32 -27.05
N LEU B 627 -5.65 10.17 -25.72
CA LEU B 627 -6.56 10.88 -24.84
C LEU B 627 -6.26 12.36 -24.77
N VAL B 628 -5.03 12.76 -25.06
CA VAL B 628 -4.66 14.16 -24.97
C VAL B 628 -5.02 14.92 -26.25
N LYS B 629 -5.23 14.21 -27.36
CA LYS B 629 -5.41 14.84 -28.67
C LYS B 629 -6.66 15.70 -28.72
N TYR B 630 -7.78 15.17 -28.25
CA TYR B 630 -9.07 15.83 -28.38
C TYR B 630 -9.27 17.03 -27.45
N PRO B 631 -8.80 17.05 -26.19
CA PRO B 631 -8.83 18.32 -25.46
C PRO B 631 -7.80 19.34 -25.93
N TYR B 632 -6.63 18.90 -26.38
CA TYR B 632 -5.65 19.82 -26.95
C TYR B 632 -6.16 20.44 -28.24
N GLU B 633 -6.84 19.65 -29.08
CA GLU B 633 -7.44 20.22 -30.27
C GLU B 633 -8.64 21.10 -29.95
N ALA B 634 -9.24 20.93 -28.77
CA ALA B 634 -10.36 21.76 -28.38
C ALA B 634 -9.92 23.10 -27.80
N VAL B 635 -8.81 23.15 -27.06
CA VAL B 635 -8.32 24.46 -26.58
C VAL B 635 -7.68 25.27 -27.68
N LEU B 636 -7.18 24.63 -28.74
CA LEU B 636 -6.61 25.39 -29.85
C LEU B 636 -7.70 26.09 -30.65
N GLN B 637 -8.83 25.42 -30.88
CA GLN B 637 -9.93 26.07 -31.57
C GLN B 637 -10.64 27.09 -30.69
N ASN B 638 -10.52 26.97 -29.37
CA ASN B 638 -11.01 28.00 -28.48
C ASN B 638 -10.10 29.22 -28.48
N GLU B 639 -8.79 28.99 -28.57
CA GLU B 639 -7.83 30.09 -28.62
C GLU B 639 -7.89 30.82 -29.96
N PHE B 640 -7.66 30.10 -31.05
CA PHE B 640 -7.71 30.68 -32.38
C PHE B 640 -9.11 30.65 -32.97
N SER B 641 -10.07 31.17 -32.21
CA SER B 641 -11.48 31.17 -32.62
C SER B 641 -11.82 32.36 -33.50
N ASP B 642 -10.94 33.35 -33.60
CA ASP B 642 -11.09 34.41 -34.58
C ASP B 642 -10.32 34.01 -35.82
N PRO B 643 -10.98 33.70 -36.94
CA PRO B 643 -10.27 33.20 -38.12
C PRO B 643 -9.52 34.26 -38.89
N THR B 644 -9.66 35.53 -38.55
CA THR B 644 -8.96 36.62 -39.22
C THR B 644 -8.00 37.36 -38.30
N GLU B 645 -7.85 36.90 -37.05
CA GLU B 645 -6.93 37.52 -36.11
C GLU B 645 -5.50 37.26 -36.56
N CYS B 646 -4.71 38.32 -36.63
CA CYS B 646 -3.41 38.26 -37.28
C CYS B 646 -2.34 37.91 -36.26
N PHE B 647 -1.51 36.93 -36.60
CA PHE B 647 -0.42 36.49 -35.73
C PHE B 647 0.95 36.72 -36.32
N VAL B 648 1.09 36.72 -37.63
CA VAL B 648 2.34 37.05 -38.29
C VAL B 648 2.05 38.23 -39.22
N ARG B 649 2.30 39.43 -38.74
CA ARG B 649 2.32 40.60 -39.61
C ARG B 649 3.56 40.53 -40.50
N GLY B 650 3.49 41.23 -41.63
CA GLY B 650 4.55 41.12 -42.59
C GLY B 650 5.78 41.96 -42.32
N VAL B 651 6.35 41.84 -41.14
CA VAL B 651 7.76 42.16 -40.92
C VAL B 651 8.31 41.03 -40.06
N GLN B 652 7.40 40.24 -39.50
CA GLN B 652 7.73 39.09 -38.69
C GLN B 652 7.93 37.82 -39.53
N LEU B 653 8.06 37.98 -40.85
CA LEU B 653 8.45 36.88 -41.72
C LEU B 653 9.87 36.40 -41.44
N PHE B 654 10.72 37.28 -40.92
CA PHE B 654 12.12 36.95 -40.67
C PHE B 654 12.45 37.05 -39.19
N ASP B 655 11.59 36.51 -38.32
CA ASP B 655 11.82 36.61 -36.89
C ASP B 655 12.95 35.67 -36.45
N ASN B 656 12.79 34.38 -36.64
CA ASN B 656 13.79 33.39 -36.25
C ASN B 656 14.29 32.61 -37.45
N SER B 657 14.56 33.31 -38.55
CA SER B 657 15.13 32.71 -39.74
C SER B 657 16.64 32.54 -39.55
N PRO B 658 17.24 31.54 -40.21
CA PRO B 658 18.71 31.35 -40.11
C PRO B 658 19.49 32.35 -40.96
N LEU B 659 19.33 33.64 -40.64
CA LEU B 659 20.08 34.70 -41.28
C LEU B 659 20.82 35.59 -40.29
N GLY B 660 20.61 35.40 -39.00
CA GLY B 660 21.10 36.30 -37.98
C GLY B 660 19.99 37.20 -37.48
N GLU B 661 20.39 38.23 -36.74
CA GLU B 661 19.49 39.29 -36.35
C GLU B 661 19.64 40.44 -37.33
N LEU B 662 18.51 41.06 -37.68
CA LEU B 662 18.46 42.03 -38.76
C LEU B 662 17.86 43.33 -38.25
N THR B 663 18.36 44.44 -38.80
CA THR B 663 17.79 45.73 -38.47
C THR B 663 16.41 45.89 -39.09
N TYR B 664 15.64 46.84 -38.55
CA TYR B 664 14.25 46.98 -38.96
C TYR B 664 14.13 47.51 -40.39
N GLY B 665 15.00 48.44 -40.77
CA GLY B 665 14.95 48.99 -42.12
C GLY B 665 15.39 48.01 -43.18
N MET B 666 16.26 47.07 -42.82
CA MET B 666 16.75 46.09 -43.78
C MET B 666 15.84 44.86 -43.87
N LYS B 667 15.00 44.65 -42.85
CA LYS B 667 13.91 43.68 -43.01
C LYS B 667 12.88 44.17 -44.01
N LEU B 668 12.65 45.48 -44.07
CA LEU B 668 11.80 46.05 -45.12
C LEU B 668 12.48 45.99 -46.49
N ARG B 669 13.81 45.95 -46.53
CA ARG B 669 14.51 45.71 -47.79
C ARG B 669 14.23 44.31 -48.32
N LEU B 670 14.14 43.32 -47.43
CA LEU B 670 13.82 41.96 -47.85
C LEU B 670 12.34 41.81 -48.24
N LEU B 671 11.45 42.56 -47.60
CA LEU B 671 10.02 42.44 -47.89
C LEU B 671 9.70 42.93 -49.29
N ASP B 672 10.34 44.02 -49.71
CA ASP B 672 10.24 44.45 -51.09
C ASP B 672 10.93 43.46 -52.03
N SER B 673 12.01 42.84 -51.57
CA SER B 673 12.77 41.91 -52.40
C SER B 673 12.06 40.57 -52.54
N VAL B 674 11.40 40.09 -51.48
CA VAL B 674 10.59 38.88 -51.61
C VAL B 674 9.24 39.15 -52.27
N SER B 675 8.87 40.41 -52.43
CA SER B 675 7.69 40.74 -53.24
C SER B 675 7.99 40.63 -54.73
N ARG B 676 9.25 40.79 -55.12
CA ARG B 676 9.63 40.74 -56.52
C ARG B 676 9.54 39.35 -57.12
N SER B 677 9.71 38.31 -56.32
CA SER B 677 9.91 36.97 -56.85
C SER B 677 8.70 36.06 -56.75
N ILE B 678 7.70 36.40 -55.94
CA ILE B 678 6.53 35.55 -55.76
C ILE B 678 5.27 36.15 -56.38
N GLY B 679 5.29 37.42 -56.75
CA GLY B 679 4.13 38.10 -57.30
C GLY B 679 3.25 38.76 -56.26
N MET B 680 3.08 38.13 -55.10
CA MET B 680 2.25 38.68 -54.05
C MET B 680 2.99 39.83 -53.36
N ARG B 681 2.28 40.94 -53.14
CA ARG B 681 2.84 42.11 -52.49
C ARG B 681 2.71 41.97 -50.99
N ILE B 682 3.83 41.88 -50.29
CA ILE B 682 3.87 41.78 -48.85
C ILE B 682 4.44 43.09 -48.33
N SER B 683 3.57 43.94 -47.78
CA SER B 683 3.98 45.19 -47.18
C SER B 683 4.35 44.92 -45.71
N SER B 684 4.56 45.98 -44.94
CA SER B 684 4.89 45.82 -43.54
C SER B 684 3.69 45.50 -42.66
N SER B 685 2.46 45.63 -43.20
CA SER B 685 1.26 45.32 -42.45
C SER B 685 0.47 44.18 -43.06
N THR B 686 1.03 43.48 -44.04
CA THR B 686 0.34 42.37 -44.68
C THR B 686 0.34 41.16 -43.74
N CYS B 687 -0.85 40.63 -43.47
CA CYS B 687 -0.97 39.46 -42.62
C CYS B 687 -0.52 38.23 -43.38
N LEU B 688 0.41 37.47 -42.78
CA LEU B 688 0.92 36.26 -43.39
C LEU B 688 0.37 35.00 -42.75
N THR B 689 -0.19 35.09 -41.56
CA THR B 689 -0.72 33.93 -40.86
C THR B 689 -1.85 34.39 -39.96
N THR B 690 -3.06 33.91 -40.22
CA THR B 690 -4.21 34.19 -39.38
C THR B 690 -4.39 33.05 -38.37
N GLY B 691 -5.41 33.20 -37.53
CA GLY B 691 -5.73 32.14 -36.58
C GLY B 691 -6.22 30.87 -37.24
N ALA B 692 -6.86 31.00 -38.40
CA ALA B 692 -7.23 29.82 -39.17
C ALA B 692 -6.01 29.15 -39.80
N ASP B 693 -4.96 29.92 -40.10
CA ASP B 693 -3.76 29.33 -40.67
C ASP B 693 -2.97 28.54 -39.63
N VAL B 694 -3.01 28.96 -38.36
CA VAL B 694 -2.33 28.22 -37.31
C VAL B 694 -2.98 26.86 -37.11
N LEU B 695 -4.31 26.81 -37.17
CA LEU B 695 -5.02 25.55 -36.99
C LEU B 695 -4.84 24.62 -38.18
N LYS B 696 -4.60 25.17 -39.38
CA LYS B 696 -4.30 24.33 -40.53
C LYS B 696 -2.89 23.76 -40.46
N GLN B 697 -1.92 24.52 -39.94
CA GLN B 697 -0.55 24.03 -39.86
C GLN B 697 -0.40 22.97 -38.78
N GLN B 698 -1.11 23.12 -37.68
CA GLN B 698 -1.09 22.12 -36.62
C GLN B 698 -1.94 20.90 -36.95
N GLY B 699 -2.77 20.97 -37.99
CA GLY B 699 -3.63 19.86 -38.34
C GLY B 699 -4.90 19.77 -37.56
N VAL B 700 -5.30 20.83 -36.87
CA VAL B 700 -6.51 20.82 -36.05
C VAL B 700 -7.63 21.29 -36.98
N THR B 701 -8.14 20.36 -37.79
CA THR B 701 -9.12 20.65 -38.82
C THR B 701 -10.29 19.68 -38.89
N GLN B 702 -10.22 18.52 -38.26
CA GLN B 702 -11.22 17.49 -38.49
C GLN B 702 -12.52 17.76 -37.73
N LEU B 703 -12.42 17.97 -36.43
CA LEU B 703 -13.60 18.11 -35.59
C LEU B 703 -13.75 19.52 -35.08
N SER B 704 -14.97 19.85 -34.69
CA SER B 704 -15.26 21.07 -33.96
C SER B 704 -14.74 20.94 -32.53
N LYS B 705 -14.65 22.07 -31.85
CA LYS B 705 -14.21 22.03 -30.45
C LYS B 705 -15.27 21.45 -29.53
N TRP B 706 -16.54 21.49 -29.94
CA TRP B 706 -17.60 20.88 -29.16
C TRP B 706 -17.63 19.37 -29.35
N ASN B 707 -17.31 18.90 -30.56
CA ASN B 707 -17.19 17.47 -30.79
C ASN B 707 -15.93 16.92 -30.17
N CYS B 708 -14.87 17.73 -30.10
CA CYS B 708 -13.65 17.34 -29.40
C CYS B 708 -13.90 17.24 -27.90
N LEU B 709 -14.72 18.13 -27.36
CA LEU B 709 -15.11 18.04 -25.95
C LEU B 709 -15.98 16.82 -25.70
N LEU B 710 -16.86 16.48 -26.65
CA LEU B 710 -17.77 15.35 -26.49
C LEU B 710 -17.02 14.02 -26.50
N ILE B 711 -15.99 13.92 -27.33
CA ILE B 711 -15.16 12.72 -27.38
C ILE B 711 -14.36 12.54 -26.09
N THR B 712 -13.90 13.65 -25.52
CA THR B 712 -13.17 13.60 -24.26
C THR B 712 -14.06 13.16 -23.11
N VAL B 713 -15.31 13.61 -23.10
CA VAL B 713 -16.29 13.14 -22.13
C VAL B 713 -16.63 11.68 -22.37
N GLY B 714 -16.74 11.29 -23.65
CA GLY B 714 -17.09 9.92 -23.99
C GLY B 714 -15.99 8.91 -23.69
N PHE B 715 -14.73 9.31 -23.80
CA PHE B 715 -13.64 8.44 -23.35
C PHE B 715 -13.69 8.20 -21.85
N GLY B 716 -14.09 9.21 -21.07
CA GLY B 716 -14.25 9.01 -19.65
C GLY B 716 -15.35 8.04 -19.31
N PHE B 717 -16.45 8.06 -20.07
CA PHE B 717 -17.52 7.12 -19.80
C PHE B 717 -17.16 5.72 -20.26
N LEU B 718 -16.37 5.60 -21.33
CA LEU B 718 -15.94 4.30 -21.83
C LEU B 718 -15.04 3.59 -20.83
N PHE B 719 -14.13 4.31 -20.19
CA PHE B 719 -13.19 3.69 -19.27
C PHE B 719 -13.81 3.34 -17.92
N ARG B 720 -14.88 4.03 -17.51
CA ARG B 720 -15.60 3.61 -16.32
C ARG B 720 -16.36 2.32 -16.56
N ILE B 721 -16.91 2.15 -17.76
CA ILE B 721 -17.58 0.91 -18.13
C ILE B 721 -16.58 -0.22 -18.22
N LEU B 722 -15.39 0.04 -18.75
CA LEU B 722 -14.35 -0.98 -18.85
C LEU B 722 -13.80 -1.35 -17.49
N PHE B 723 -13.70 -0.38 -16.59
CA PHE B 723 -13.32 -0.67 -15.21
C PHE B 723 -14.38 -1.51 -14.51
N TYR B 724 -15.65 -1.26 -14.81
CA TYR B 724 -16.73 -2.08 -14.25
C TYR B 724 -16.71 -3.49 -14.82
N LEU B 725 -16.40 -3.63 -16.12
CA LEU B 725 -16.30 -4.95 -16.73
C LEU B 725 -15.10 -5.73 -16.18
N CYS B 726 -14.03 -5.04 -15.79
CA CYS B 726 -12.92 -5.72 -15.16
C CYS B 726 -13.24 -6.12 -13.73
N LEU B 727 -14.13 -5.39 -13.06
CA LEU B 727 -14.61 -5.82 -11.76
C LEU B 727 -15.60 -6.96 -11.85
N LEU B 728 -16.18 -7.17 -13.03
CA LEU B 728 -17.07 -8.32 -13.23
C LEU B 728 -16.27 -9.59 -13.50
N LEU B 729 -15.15 -9.48 -14.21
CA LEU B 729 -14.38 -10.65 -14.60
C LEU B 729 -13.31 -11.02 -13.56
N GLY B 730 -12.71 -10.03 -12.93
CA GLY B 730 -11.65 -10.25 -11.98
C GLY B 730 -12.01 -9.67 -10.62
N SER B 731 -10.96 -9.34 -9.87
CA SER B 731 -11.03 -8.80 -8.51
C SER B 731 -11.88 -9.67 -7.58
N LYS B 732 -11.60 -10.97 -7.62
CA LYS B 732 -12.02 -11.89 -6.58
C LYS B 732 -10.77 -12.40 -5.91
N ASN B 733 -10.86 -12.73 -4.64
CA ASN B 733 -9.71 -13.20 -3.88
C ASN B 733 -9.99 -14.66 -3.49
N LYS B 734 -9.68 -15.56 -4.40
CA LYS B 734 -10.03 -16.96 -4.21
C LYS B 734 -8.83 -17.76 -3.73
N ARG B 735 -9.15 -18.85 -3.00
CA ARG B 735 -8.21 -19.74 -2.31
C ARG B 735 -7.33 -19.03 -1.28
PB ADP C . -4.89 -3.77 25.20
O1B ADP C . -5.07 -4.06 26.65
O2B ADP C . -3.47 -4.03 24.83
O3B ADP C . -5.80 -4.68 24.41
PA ADP C . -4.29 -1.01 24.33
O1A ADP C . -3.00 -0.91 25.04
O2A ADP C . -4.01 -1.20 22.88
O3A ADP C . -5.24 -2.20 24.93
O5' ADP C . -5.09 0.41 24.57
C5' ADP C . -5.91 0.54 25.67
C4' ADP C . -6.98 1.54 25.38
O4' ADP C . -6.41 2.66 25.04
C3' ADP C . -7.93 1.06 24.08
O3' ADP C . -9.33 1.19 24.47
C2' ADP C . -7.66 1.80 23.12
O2' ADP C . -8.87 2.04 22.25
C1' ADP C . -7.23 3.15 23.86
N9 ADP C . -6.61 4.05 23.11
C8 ADP C . -5.41 3.48 22.97
N7 ADP C . -4.66 4.28 22.22
C5 ADP C . -5.39 5.35 21.90
C6 ADP C . -5.12 6.48 21.15
N6 ADP C . -3.94 6.92 20.45
N1 ADP C . -6.05 7.39 20.97
C2 ADP C . -7.27 7.25 21.52
N3 ADP C . -7.53 6.15 22.25
C4 ADP C . -6.59 5.21 22.42
BE BEF D . -6.02 -5.76 23.55
F1 BEF D . -5.16 -6.21 22.37
F2 BEF D . -6.05 -6.82 24.69
F3 BEF D . -7.45 -5.61 23.04
MG MG E . -3.11 -4.78 22.82
PB ADP F . -5.05 -23.15 10.59
O1B ADP F . -5.46 -24.42 11.24
O2B ADP F . -6.28 -22.36 10.27
O3B ADP F . -4.19 -22.37 11.57
PA ADP F . -4.59 -23.06 7.67
O1A ADP F . -5.98 -23.40 7.29
O2A ADP F . -4.41 -21.59 7.44
O3A ADP F . -4.24 -23.47 9.21
O5' ADP F . -3.60 -23.92 6.70
C5' ADP F . -3.19 -25.17 7.10
C4' ADP F . -1.87 -25.49 6.48
O4' ADP F . -1.98 -25.38 5.19
C3' ADP F . -0.70 -24.39 6.96
O3' ADP F . 0.48 -25.15 7.39
C2' ADP F . -0.42 -23.68 5.98
O2' ADP F . 1.03 -23.26 5.98
C1' ADP F . -0.72 -24.67 4.75
N9 ADP F . -0.79 -24.10 3.56
C8 ADP F . -1.98 -23.49 3.65
N7 ADP F . -2.21 -22.86 2.49
C5 ADP F . -1.16 -23.09 1.69
C6 ADP F . -0.86 -22.68 0.40
N6 ADP F . -1.59 -21.88 -0.55
N1 ADP F . 0.28 -23.04 -0.16
C2 ADP F . 1.16 -23.81 0.51
N3 ADP F . 0.87 -24.21 1.76
C4 ADP F . -0.29 -23.83 2.34
BE BEF G . -3.98 -21.29 12.44
F1 BEF G . -4.48 -19.87 12.29
F2 BEF G . -4.60 -22.01 13.67
F3 BEF G . -2.46 -21.23 12.68
MG MG H . -6.12 -20.19 10.40
#